data_9INF
#
_entry.id   9INF
#
_cell.length_a   1.00
_cell.length_b   1.00
_cell.length_c   1.00
_cell.angle_alpha   90.00
_cell.angle_beta   90.00
_cell.angle_gamma   90.00
#
_symmetry.space_group_name_H-M   'P 1'
#
loop_
_entity.id
_entity.type
_entity.pdbx_description
1 polymer 'Solute carrier family 53 member 1'
2 non-polymer CHOLESTEROL
3 non-polymer 1,2-Distearoyl-sn-glycerophosphoethanolamine
4 non-polymer 'PALMITIC ACID'
5 non-polymer 'ARACHIDONIC ACID'
6 water water
#
_entity_poly.entity_id   1
_entity_poly.type   'polypeptide(L)'
_entity_poly.pdbx_seq_one_letter_code
;MKFAEHLSAHITPEWRKQYIQYEAFKDMLYSAQDQAPSVEVTDEDTVKRYFAKFEEKFFQTCEKELAKINTFYSEKLAEA
QRRFATLQNELQSSLDAQKESTGVTTLRQRRKPVFHLSHEERVQHRNIKDLKLAFSEFYLSLILLQNYQNLNFTGFRKIL
KKHDKILETSRGADWRVAHVEVAPFYTCKKINQLISETEAVVTNELEDGDRQKAMKRLRVPPLGAAQPAPAWTTFRVGLF
CGIFIVLNITLVLAAVFKLETDRSIWPLIRIYRGGFLLIEFLFLLGINTYGWRQAGVNHVLIFELNPRSNLSHQHLFEIA
GFLGILWCLSLLACFFAPISVIPTYVYPLALYGFMVFFLINPTKTFYYKSRFWLLKLLFRVFTAPFHKVGFADFWLADQL
NSLSVILMDLEYMICFYSLELKWDESKGLLPNNSEESGICHKYTYGVRAIVQCIPAWLRFIQCLRRYRDTKRAFPHLVNA
GKYSTTFFMVTFAALYSTHKERGHSDTMVFFYLWIVFYIISSCYTLIWDLKMDWGLFDKNAGENTFLREEIVYPQKAYYY
CAIIEDVILRFAWTIQISITSTTLLPHSGDIIATVFAPLEVFRRFVWNFFRLENEHLNNCGEFRAVRDISVAPLNADDQT
LLEQMMDQDDGVRNRQKNRSWKYNQSISLRRPRLASQSKARDTKVLIEDTDDEANTSRENLYFQ
;
_entity_poly.pdbx_strand_id   A,B
#
# COMPACT_ATOMS: atom_id res chain seq x y z
N ALA A 226 22.13 15.66 0.21
CA ALA A 226 21.63 14.54 1.01
C ALA A 226 20.50 15.00 1.93
N GLN A 227 19.74 15.98 1.49
CA GLN A 227 18.63 16.47 2.27
C GLN A 227 17.54 15.41 2.38
N PRO A 228 17.00 15.18 3.57
CA PRO A 228 15.95 14.16 3.72
C PRO A 228 14.69 14.55 2.98
N ALA A 229 13.97 13.53 2.50
CA ALA A 229 12.73 13.74 1.77
C ALA A 229 11.59 14.07 2.72
N PRO A 230 10.55 14.74 2.24
CA PRO A 230 9.38 15.00 3.09
C PRO A 230 8.72 13.69 3.52
N ALA A 231 8.11 13.73 4.70
CA ALA A 231 7.47 12.53 5.25
C ALA A 231 6.32 12.06 4.36
N TRP A 232 5.59 12.99 3.75
CA TRP A 232 4.50 12.59 2.87
C TRP A 232 5.02 11.90 1.62
N THR A 233 6.22 12.24 1.16
CA THR A 233 6.81 11.51 0.04
C THR A 233 7.05 10.06 0.40
N THR A 234 7.60 9.80 1.59
CA THR A 234 7.80 8.43 2.03
C THR A 234 6.46 7.71 2.20
N PHE A 235 5.45 8.42 2.72
CA PHE A 235 4.12 7.83 2.82
C PHE A 235 3.57 7.45 1.45
N ARG A 236 3.80 8.30 0.45
CA ARG A 236 3.33 8.01 -0.90
C ARG A 236 4.05 6.81 -1.50
N VAL A 237 5.38 6.71 -1.30
CA VAL A 237 6.08 5.55 -1.83
C VAL A 237 5.62 4.28 -1.13
N GLY A 238 5.33 4.37 0.17
CA GLY A 238 4.80 3.21 0.86
C GLY A 238 3.42 2.80 0.37
N LEU A 239 2.56 3.79 0.14
CA LEU A 239 1.22 3.51 -0.37
C LEU A 239 1.30 2.85 -1.74
N PHE A 240 2.15 3.39 -2.62
CA PHE A 240 2.31 2.80 -3.94
C PHE A 240 2.91 1.40 -3.87
N CYS A 241 3.87 1.19 -2.96
CA CYS A 241 4.45 -0.14 -2.80
C CYS A 241 3.39 -1.15 -2.35
N GLY A 242 2.56 -0.77 -1.39
CA GLY A 242 1.52 -1.67 -0.92
C GLY A 242 0.48 -1.98 -1.98
N ILE A 243 0.02 -0.95 -2.69
CA ILE A 243 -0.93 -1.16 -3.77
C ILE A 243 -0.31 -2.07 -4.83
N PHE A 244 0.97 -1.85 -5.15
CA PHE A 244 1.63 -2.64 -6.18
C PHE A 244 1.79 -4.10 -5.76
N ILE A 245 2.18 -4.35 -4.51
CA ILE A 245 2.37 -5.74 -4.11
C ILE A 245 1.04 -6.48 -4.03
N VAL A 246 -0.01 -5.82 -3.55
CA VAL A 246 -1.31 -6.50 -3.50
C VAL A 246 -1.84 -6.72 -4.91
N LEU A 247 -1.68 -5.73 -5.80
CA LEU A 247 -2.11 -5.89 -7.18
C LEU A 247 -1.33 -6.99 -7.89
N ASN A 248 -0.04 -7.13 -7.57
CA ASN A 248 0.77 -8.19 -8.18
C ASN A 248 0.34 -9.56 -7.68
N ILE A 249 0.02 -9.68 -6.39
CA ILE A 249 -0.50 -10.94 -5.86
C ILE A 249 -1.83 -11.28 -6.53
N THR A 250 -2.70 -10.28 -6.68
CA THR A 250 -3.97 -10.49 -7.36
C THR A 250 -3.75 -10.90 -8.82
N LEU A 251 -2.77 -10.28 -9.48
CA LEU A 251 -2.45 -10.64 -10.86
C LEU A 251 -1.98 -12.08 -10.97
N VAL A 252 -1.13 -12.52 -10.03
CA VAL A 252 -0.67 -13.90 -10.04
C VAL A 252 -1.85 -14.85 -9.83
N LEU A 253 -2.73 -14.53 -8.89
CA LEU A 253 -3.89 -15.37 -8.63
C LEU A 253 -4.80 -15.43 -9.86
N ALA A 254 -5.00 -14.29 -10.53
CA ALA A 254 -5.84 -14.25 -11.72
C ALA A 254 -5.22 -15.06 -12.85
N ALA A 255 -3.90 -14.97 -13.02
CA ALA A 255 -3.22 -15.78 -14.04
C ALA A 255 -3.37 -17.26 -13.73
N VAL A 256 -3.28 -17.64 -12.45
CA VAL A 256 -3.39 -19.04 -12.08
C VAL A 256 -4.81 -19.55 -12.33
N PHE A 257 -5.83 -18.79 -11.93
CA PHE A 257 -7.20 -19.29 -11.92
C PHE A 257 -8.02 -18.85 -13.13
N LYS A 258 -8.17 -17.54 -13.33
CA LYS A 258 -9.02 -17.02 -14.39
C LYS A 258 -8.16 -16.65 -15.59
N LEU A 259 -7.85 -17.65 -16.41
CA LEU A 259 -7.12 -17.44 -17.65
C LEU A 259 -7.54 -18.52 -18.64
N GLU A 260 -7.67 -18.14 -19.91
CA GLU A 260 -8.11 -19.05 -20.95
C GLU A 260 -6.90 -19.58 -21.72
N THR A 261 -6.80 -20.90 -21.83
CA THR A 261 -5.69 -21.54 -22.52
C THR A 261 -5.97 -21.75 -24.00
N ASP A 262 -7.21 -21.60 -24.46
CA ASP A 262 -7.50 -21.74 -25.88
C ASP A 262 -6.96 -20.57 -26.69
N ARG A 263 -6.63 -19.46 -26.05
CA ARG A 263 -6.11 -18.29 -26.73
C ARG A 263 -4.67 -18.04 -26.31
N SER A 264 -3.84 -17.64 -27.27
CA SER A 264 -2.43 -17.40 -27.00
C SER A 264 -2.26 -16.13 -26.18
N ILE A 265 -1.69 -16.26 -24.98
CA ILE A 265 -1.41 -15.10 -24.13
C ILE A 265 -0.09 -14.45 -24.46
N TRP A 266 0.66 -14.98 -25.43
CA TRP A 266 1.99 -14.46 -25.72
C TRP A 266 1.99 -13.01 -26.21
N PRO A 267 1.09 -12.56 -27.10
CA PRO A 267 1.10 -11.12 -27.44
C PRO A 267 0.93 -10.22 -26.23
N LEU A 268 0.06 -10.59 -25.30
CA LEU A 268 -0.14 -9.79 -24.09
C LEU A 268 1.14 -9.72 -23.27
N ILE A 269 1.81 -10.86 -23.09
CA ILE A 269 3.05 -10.89 -22.32
C ILE A 269 4.12 -10.04 -23.00
N ARG A 270 4.23 -10.16 -24.32
CA ARG A 270 5.24 -9.39 -25.05
C ARG A 270 4.96 -7.89 -24.98
N ILE A 271 3.69 -7.50 -25.03
CA ILE A 271 3.37 -6.07 -24.93
C ILE A 271 3.68 -5.55 -23.55
N TYR A 272 3.30 -6.28 -22.50
CA TYR A 272 3.48 -5.77 -21.14
C TYR A 272 4.88 -5.98 -20.59
N ARG A 273 5.72 -6.77 -21.28
CA ARG A 273 7.07 -7.00 -20.80
C ARG A 273 7.89 -5.71 -20.79
N GLY A 274 7.74 -4.88 -21.82
CA GLY A 274 8.47 -3.63 -21.85
C GLY A 274 8.08 -2.70 -20.70
N GLY A 275 6.79 -2.59 -20.43
CA GLY A 275 6.36 -1.79 -19.29
C GLY A 275 6.87 -2.32 -17.97
N PHE A 276 6.82 -3.65 -17.78
CA PHE A 276 7.33 -4.22 -16.55
C PHE A 276 8.82 -3.97 -16.40
N LEU A 277 9.58 -4.07 -17.49
CA LEU A 277 11.01 -3.82 -17.41
C LEU A 277 11.30 -2.35 -17.14
N LEU A 278 10.48 -1.45 -17.67
CA LEU A 278 10.63 -0.03 -17.34
C LEU A 278 10.39 0.20 -15.85
N ILE A 279 9.36 -0.44 -15.29
CA ILE A 279 9.11 -0.30 -13.85
C ILE A 279 10.29 -0.82 -13.05
N GLU A 280 10.81 -1.99 -13.44
CA GLU A 280 11.95 -2.57 -12.75
C GLU A 280 13.17 -1.67 -12.84
N PHE A 281 13.41 -1.08 -14.02
CA PHE A 281 14.54 -0.17 -14.18
C PHE A 281 14.40 1.06 -13.30
N LEU A 282 13.19 1.62 -13.21
CA LEU A 282 12.99 2.77 -12.34
C LEU A 282 13.22 2.41 -10.87
N PHE A 283 12.73 1.25 -10.45
CA PHE A 283 12.93 0.83 -9.05
C PHE A 283 14.40 0.60 -8.75
N LEU A 284 15.11 -0.10 -9.64
CA LEU A 284 16.54 -0.33 -9.43
C LEU A 284 17.33 0.96 -9.55
N LEU A 285 16.85 1.95 -10.30
CA LEU A 285 17.50 3.25 -10.36
C LEU A 285 17.29 4.02 -9.06
N GLY A 286 16.13 3.88 -8.44
CA GLY A 286 15.96 4.43 -7.10
C GLY A 286 16.92 3.79 -6.11
N ILE A 287 17.08 2.48 -6.19
CA ILE A 287 18.08 1.82 -5.36
C ILE A 287 19.47 2.33 -5.68
N ASN A 288 19.73 2.61 -6.97
CA ASN A 288 21.01 3.18 -7.39
C ASN A 288 21.26 4.50 -6.69
N THR A 289 20.26 5.39 -6.72
CA THR A 289 20.41 6.70 -6.10
C THR A 289 20.63 6.58 -4.59
N TYR A 290 19.89 5.68 -3.93
CA TYR A 290 20.08 5.48 -2.51
C TYR A 290 21.50 5.01 -2.20
N GLY A 291 21.97 4.01 -2.94
CA GLY A 291 23.31 3.51 -2.71
C GLY A 291 24.38 4.54 -2.99
N TRP A 292 24.20 5.35 -4.04
CA TRP A 292 25.15 6.41 -4.34
C TRP A 292 25.20 7.44 -3.23
N ARG A 293 24.03 7.85 -2.74
CA ARG A 293 23.99 8.87 -1.69
C ARG A 293 24.62 8.35 -0.40
N GLN A 294 24.31 7.12 -0.01
CA GLN A 294 24.81 6.62 1.26
C GLN A 294 26.28 6.21 1.19
N ALA A 295 26.74 5.69 0.06
CA ALA A 295 28.12 5.22 -0.03
C ALA A 295 29.11 6.38 0.04
N GLY A 296 28.83 7.47 -0.66
CA GLY A 296 29.72 8.62 -0.65
C GLY A 296 30.01 9.16 -2.03
N VAL A 297 29.73 8.38 -3.07
CA VAL A 297 29.93 8.83 -4.44
C VAL A 297 29.03 10.02 -4.73
N ASN A 298 29.62 11.09 -5.25
CA ASN A 298 28.90 12.34 -5.53
C ASN A 298 28.30 12.24 -6.92
N HIS A 299 27.13 11.60 -7.00
CA HIS A 299 26.52 11.33 -8.30
C HIS A 299 25.97 12.61 -8.94
N VAL A 300 25.46 13.54 -8.12
CA VAL A 300 24.89 14.76 -8.68
C VAL A 300 25.96 15.60 -9.36
N LEU A 301 27.16 15.65 -8.78
CA LEU A 301 28.28 16.32 -9.44
C LEU A 301 28.65 15.61 -10.74
N ILE A 302 28.67 14.28 -10.73
CA ILE A 302 29.05 13.52 -11.90
C ILE A 302 28.02 13.70 -13.02
N PHE A 303 26.73 13.55 -12.69
CA PHE A 303 25.67 13.74 -13.66
C PHE A 303 25.45 15.19 -14.03
N GLU A 304 26.08 16.13 -13.31
CA GLU A 304 25.94 17.57 -13.57
C GLU A 304 24.49 18.03 -13.38
N LEU A 305 23.84 17.51 -12.35
CA LEU A 305 22.51 17.99 -11.97
C LEU A 305 22.63 19.22 -11.09
N ASN A 306 21.49 19.86 -10.86
CA ASN A 306 21.43 21.00 -9.94
C ASN A 306 21.53 20.48 -8.51
N PRO A 307 22.52 20.92 -7.73
CA PRO A 307 22.66 20.39 -6.36
C PRO A 307 21.46 20.67 -5.47
N ARG A 308 20.69 21.73 -5.74
CA ARG A 308 19.56 22.10 -4.90
C ARG A 308 18.24 21.54 -5.39
N SER A 309 18.24 20.78 -6.50
CA SER A 309 17.00 20.24 -7.05
C SER A 309 17.13 18.78 -7.45
N ASN A 310 18.16 18.07 -6.99
CA ASN A 310 18.32 16.67 -7.35
C ASN A 310 17.21 15.83 -6.71
N LEU A 311 16.84 14.76 -7.41
CA LEU A 311 15.79 13.86 -6.94
C LEU A 311 16.39 12.80 -6.02
N SER A 312 15.85 12.68 -4.82
CA SER A 312 16.27 11.62 -3.93
C SER A 312 15.72 10.28 -4.42
N HIS A 313 16.20 9.20 -3.79
CA HIS A 313 15.71 7.87 -4.15
C HIS A 313 14.24 7.70 -3.84
N GLN A 314 13.70 8.49 -2.89
CA GLN A 314 12.27 8.40 -2.58
C GLN A 314 11.43 8.80 -3.78
N HIS A 315 11.83 9.85 -4.51
CA HIS A 315 11.06 10.26 -5.67
C HIS A 315 11.08 9.19 -6.77
N LEU A 316 12.23 8.57 -6.98
CA LEU A 316 12.32 7.50 -7.97
C LEU A 316 11.47 6.30 -7.55
N PHE A 317 11.49 5.96 -6.27
CA PHE A 317 10.60 4.89 -5.78
C PHE A 317 9.14 5.26 -5.99
N GLU A 318 8.80 6.53 -5.76
CA GLU A 318 7.43 6.98 -5.92
C GLU A 318 6.97 6.83 -7.37
N ILE A 319 7.78 7.32 -8.32
CA ILE A 319 7.36 7.25 -9.71
C ILE A 319 7.34 5.80 -10.20
N ALA A 320 8.31 4.99 -9.76
CA ALA A 320 8.29 3.58 -10.11
C ALA A 320 7.03 2.90 -9.58
N GLY A 321 6.66 3.20 -8.34
CA GLY A 321 5.46 2.59 -7.77
C GLY A 321 4.20 3.04 -8.48
N PHE A 322 4.09 4.32 -8.82
CA PHE A 322 2.90 4.81 -9.51
C PHE A 322 2.78 4.20 -10.90
N LEU A 323 3.88 4.16 -11.65
CA LEU A 323 3.84 3.55 -12.97
C LEU A 323 3.57 2.05 -12.87
N GLY A 324 4.07 1.39 -11.83
CA GLY A 324 3.71 0.01 -11.60
C GLY A 324 2.24 -0.18 -11.27
N ILE A 325 1.66 0.78 -10.54
CA ILE A 325 0.23 0.74 -10.27
C ILE A 325 -0.54 0.79 -11.59
N LEU A 326 -0.14 1.71 -12.48
CA LEU A 326 -0.81 1.81 -13.78
C LEU A 326 -0.65 0.52 -14.58
N TRP A 327 0.56 -0.04 -14.60
CA TRP A 327 0.80 -1.26 -15.36
C TRP A 327 -0.01 -2.42 -14.81
N CYS A 328 -0.04 -2.58 -13.48
CA CYS A 328 -0.80 -3.67 -12.88
C CYS A 328 -2.29 -3.52 -13.12
N LEU A 329 -2.81 -2.29 -13.02
CA LEU A 329 -4.22 -2.07 -13.31
C LEU A 329 -4.54 -2.40 -14.77
N SER A 330 -3.67 -1.99 -15.69
CA SER A 330 -3.90 -2.30 -17.10
C SER A 330 -3.88 -3.80 -17.35
N LEU A 331 -2.91 -4.51 -16.75
CA LEU A 331 -2.84 -5.95 -16.94
C LEU A 331 -4.06 -6.66 -16.34
N LEU A 332 -4.48 -6.24 -15.15
CA LEU A 332 -5.64 -6.86 -14.52
C LEU A 332 -6.90 -6.62 -15.33
N ALA A 333 -7.07 -5.39 -15.86
CA ALA A 333 -8.23 -5.11 -16.69
C ALA A 333 -8.16 -5.88 -18.00
N CYS A 334 -6.96 -6.12 -18.52
CA CYS A 334 -6.82 -6.94 -19.72
C CYS A 334 -7.18 -8.40 -19.44
N PHE A 335 -6.88 -8.88 -18.23
CA PHE A 335 -7.18 -10.27 -17.89
C PHE A 335 -8.69 -10.54 -17.95
N PHE A 336 -9.48 -9.69 -17.30
CA PHE A 336 -10.93 -9.73 -17.40
C PHE A 336 -11.42 -8.30 -17.61
N ALA A 337 -12.06 -8.06 -18.75
CA ALA A 337 -12.49 -6.71 -19.07
C ALA A 337 -13.65 -6.30 -18.18
N PRO A 338 -13.51 -5.23 -17.38
CA PRO A 338 -14.66 -4.78 -16.58
C PRO A 338 -15.83 -4.31 -17.42
N ILE A 339 -15.56 -3.69 -18.56
CA ILE A 339 -16.60 -3.14 -19.42
C ILE A 339 -16.62 -3.93 -20.72
N SER A 340 -17.78 -4.48 -21.06
CA SER A 340 -17.91 -5.23 -22.31
C SER A 340 -17.77 -4.33 -23.53
N VAL A 341 -18.26 -3.09 -23.44
CA VAL A 341 -18.20 -2.17 -24.58
C VAL A 341 -16.75 -1.84 -24.92
N ILE A 342 -15.94 -1.56 -23.92
CA ILE A 342 -14.54 -1.19 -24.14
C ILE A 342 -13.74 -2.42 -24.54
N PRO A 343 -13.07 -2.40 -25.68
CA PRO A 343 -12.28 -3.56 -26.09
C PRO A 343 -11.09 -3.79 -25.17
N THR A 344 -10.69 -5.06 -25.08
CA THR A 344 -9.58 -5.45 -24.22
C THR A 344 -8.22 -5.06 -24.80
N TYR A 345 -8.14 -4.76 -26.09
CA TYR A 345 -6.86 -4.42 -26.70
C TYR A 345 -6.51 -2.94 -26.55
N VAL A 346 -7.46 -2.09 -26.15
CA VAL A 346 -7.16 -0.67 -25.97
C VAL A 346 -6.48 -0.40 -24.64
N TYR A 347 -6.46 -1.36 -23.72
CA TYR A 347 -5.85 -1.15 -22.41
C TYR A 347 -4.33 -0.95 -22.50
N PRO A 348 -3.56 -1.76 -23.24
CA PRO A 348 -2.13 -1.42 -23.40
C PRO A 348 -1.92 -0.07 -24.07
N LEU A 349 -2.77 0.29 -25.03
CA LEU A 349 -2.69 1.62 -25.62
C LEU A 349 -2.86 2.69 -24.57
N ALA A 350 -3.87 2.54 -23.70
CA ALA A 350 -4.10 3.53 -22.66
C ALA A 350 -2.92 3.60 -21.70
N LEU A 351 -2.38 2.46 -21.30
CA LEU A 351 -1.26 2.46 -20.35
C LEU A 351 -0.03 3.15 -20.94
N TYR A 352 0.37 2.75 -22.15
CA TYR A 352 1.57 3.34 -22.73
C TYR A 352 1.36 4.78 -23.16
N GLY A 353 0.15 5.14 -23.60
CA GLY A 353 -0.14 6.52 -23.90
C GLY A 353 -0.09 7.39 -22.64
N PHE A 354 -0.60 6.88 -21.52
CA PHE A 354 -0.49 7.62 -20.27
C PHE A 354 0.96 7.76 -19.85
N MET A 355 1.76 6.71 -20.03
CA MET A 355 3.18 6.80 -19.71
C MET A 355 3.87 7.87 -20.55
N VAL A 356 3.63 7.86 -21.86
CA VAL A 356 4.28 8.83 -22.73
C VAL A 356 3.77 10.24 -22.46
N PHE A 357 2.49 10.39 -22.11
CA PHE A 357 1.95 11.70 -21.78
C PHE A 357 2.56 12.24 -20.51
N PHE A 358 2.74 11.37 -19.50
CA PHE A 358 3.48 11.77 -18.31
C PHE A 358 4.91 12.13 -18.66
N LEU A 359 5.47 11.51 -19.69
CA LEU A 359 6.84 11.84 -20.11
C LEU A 359 6.90 13.16 -20.88
N ILE A 360 5.84 13.51 -21.62
CA ILE A 360 5.86 14.72 -22.44
C ILE A 360 5.09 15.86 -21.78
N ASN A 361 4.41 15.60 -20.65
CA ASN A 361 3.51 16.53 -19.96
C ASN A 361 4.11 17.94 -19.87
N PRO A 362 3.51 18.92 -20.56
CA PRO A 362 4.05 20.28 -20.50
C PRO A 362 3.66 21.01 -19.23
N THR A 363 2.53 20.63 -18.64
CA THR A 363 2.08 21.24 -17.40
C THR A 363 3.07 20.92 -16.28
N LYS A 364 3.42 21.95 -15.51
CA LYS A 364 4.47 21.85 -14.50
C LYS A 364 3.89 21.39 -13.16
N THR A 365 3.42 20.14 -13.15
CA THR A 365 2.86 19.55 -11.95
C THR A 365 3.68 18.35 -11.46
N PHE A 366 3.92 17.35 -12.30
CA PHE A 366 4.53 16.09 -11.88
C PHE A 366 6.00 16.08 -12.30
N TYR A 367 6.86 16.46 -11.35
CA TYR A 367 8.32 16.43 -11.54
C TYR A 367 8.72 17.17 -12.82
N TYR A 368 8.27 18.42 -12.93
CA TYR A 368 8.47 19.16 -14.18
C TYR A 368 9.95 19.37 -14.47
N LYS A 369 10.74 19.72 -13.45
CA LYS A 369 12.18 19.89 -13.65
C LYS A 369 12.81 18.58 -14.11
N SER A 370 12.54 17.49 -13.39
CA SER A 370 13.12 16.20 -13.73
C SER A 370 12.63 15.72 -15.11
N ARG A 371 11.33 15.86 -15.37
CA ARG A 371 10.79 15.40 -16.65
C ARG A 371 11.37 16.20 -17.82
N PHE A 372 11.49 17.52 -17.66
CA PHE A 372 12.05 18.34 -18.73
C PHE A 372 13.54 18.02 -18.94
N TRP A 373 14.28 17.79 -17.86
CA TRP A 373 15.69 17.42 -18.01
C TRP A 373 15.81 16.09 -18.72
N LEU A 374 14.94 15.13 -18.40
CA LEU A 374 14.96 13.85 -19.10
C LEU A 374 14.61 14.02 -20.57
N LEU A 375 13.63 14.86 -20.89
CA LEU A 375 13.26 15.09 -22.28
C LEU A 375 14.41 15.72 -23.07
N LYS A 376 15.05 16.74 -22.48
CA LYS A 376 16.16 17.40 -23.15
C LYS A 376 17.31 16.43 -23.38
N LEU A 377 17.61 15.61 -22.38
CA LEU A 377 18.71 14.67 -22.53
C LEU A 377 18.36 13.52 -23.48
N LEU A 378 17.08 13.13 -23.54
CA LEU A 378 16.65 12.17 -24.56
C LEU A 378 16.86 12.73 -25.96
N PHE A 379 16.47 13.99 -26.16
CA PHE A 379 16.66 14.63 -27.46
C PHE A 379 18.14 14.71 -27.82
N ARG A 380 18.99 15.07 -26.84
CA ARG A 380 20.42 15.13 -27.10
C ARG A 380 20.99 13.76 -27.43
N VAL A 381 20.54 12.72 -26.71
CA VAL A 381 21.10 11.39 -26.89
C VAL A 381 20.73 10.82 -28.25
N PHE A 382 19.44 10.92 -28.62
CA PHE A 382 19.01 10.32 -29.87
C PHE A 382 19.64 11.00 -31.08
N THR A 383 19.89 12.31 -30.99
CA THR A 383 20.67 13.02 -32.01
C THR A 383 22.12 13.13 -31.58
N ALA A 384 22.78 11.97 -31.55
CA ALA A 384 24.10 11.78 -30.96
C ALA A 384 25.21 12.63 -31.59
N PRO A 385 25.38 12.62 -32.93
CA PRO A 385 26.63 13.18 -33.48
C PRO A 385 26.64 14.70 -33.60
N PHE A 386 25.74 15.38 -32.89
CA PHE A 386 25.62 16.83 -33.02
C PHE A 386 25.92 17.60 -31.74
N HIS A 387 26.13 16.92 -30.62
CA HIS A 387 26.50 17.58 -29.37
C HIS A 387 27.55 16.75 -28.62
N LYS A 388 28.30 17.43 -27.77
CA LYS A 388 29.34 16.78 -26.99
C LYS A 388 28.75 15.75 -26.05
N VAL A 389 29.44 14.63 -25.89
CA VAL A 389 28.96 13.53 -25.06
C VAL A 389 29.37 13.73 -23.62
N GLY A 390 28.45 14.26 -22.80
CA GLY A 390 28.66 14.33 -21.38
C GLY A 390 28.47 12.98 -20.72
N PHE A 391 28.70 12.95 -19.41
CA PHE A 391 28.56 11.69 -18.68
C PHE A 391 27.12 11.20 -18.69
N ALA A 392 26.16 12.12 -18.54
CA ALA A 392 24.75 11.72 -18.49
C ALA A 392 24.29 11.14 -19.82
N ASP A 393 24.76 11.71 -20.94
CA ASP A 393 24.35 11.21 -22.25
C ASP A 393 24.87 9.79 -22.48
N PHE A 394 26.17 9.58 -22.24
CA PHE A 394 26.74 8.24 -22.27
C PHE A 394 25.98 7.30 -21.34
N TRP A 395 25.65 7.78 -20.16
CA TRP A 395 25.00 6.94 -19.16
C TRP A 395 23.64 6.44 -19.66
N LEU A 396 22.79 7.36 -20.13
CA LEU A 396 21.50 6.95 -20.63
C LEU A 396 21.60 6.12 -21.90
N ALA A 397 22.56 6.43 -22.78
CA ALA A 397 22.73 5.63 -23.98
C ALA A 397 23.10 4.19 -23.63
N ASP A 398 23.96 4.01 -22.62
CA ASP A 398 24.28 2.67 -22.16
C ASP A 398 23.06 1.99 -21.52
N GLN A 399 22.26 2.77 -20.76
CA GLN A 399 21.02 2.23 -20.22
C GLN A 399 20.12 1.70 -21.33
N LEU A 400 19.97 2.47 -22.39
CA LEU A 400 19.18 2.03 -23.54
C LEU A 400 19.81 0.79 -24.18
N ASN A 401 21.14 0.75 -24.25
CA ASN A 401 21.83 -0.43 -24.74
C ASN A 401 21.45 -1.66 -23.93
N SER A 402 21.20 -1.48 -22.63
CA SER A 402 20.71 -2.56 -21.79
C SER A 402 19.19 -2.64 -21.75
N LEU A 403 18.49 -1.73 -22.43
CA LEU A 403 17.03 -1.74 -22.47
C LEU A 403 16.51 -1.90 -23.89
N SER A 404 17.24 -2.64 -24.73
CA SER A 404 16.83 -2.83 -26.12
C SER A 404 15.50 -3.55 -26.22
N VAL A 405 15.16 -4.36 -25.21
CA VAL A 405 13.90 -5.10 -25.24
C VAL A 405 12.71 -4.13 -25.22
N ILE A 406 12.86 -3.00 -24.54
CA ILE A 406 11.76 -2.05 -24.46
C ILE A 406 11.41 -1.50 -25.84
N LEU A 407 12.42 -1.02 -26.58
CA LEU A 407 12.15 -0.52 -27.93
C LEU A 407 11.73 -1.64 -28.87
N MET A 408 12.28 -2.84 -28.68
CA MET A 408 11.88 -3.98 -29.50
C MET A 408 10.40 -4.28 -29.31
N ASP A 409 9.94 -4.32 -28.06
CA ASP A 409 8.53 -4.58 -27.78
C ASP A 409 7.64 -3.43 -28.21
N LEU A 410 8.15 -2.19 -28.17
CA LEU A 410 7.38 -1.07 -28.69
C LEU A 410 7.18 -1.20 -30.21
N GLU A 411 8.23 -1.57 -30.93
CA GLU A 411 8.09 -1.82 -32.37
C GLU A 411 7.15 -2.99 -32.65
N TYR A 412 7.25 -4.05 -31.84
CA TYR A 412 6.30 -5.15 -31.94
C TYR A 412 4.88 -4.66 -31.73
N MET A 413 4.68 -3.75 -30.78
CA MET A 413 3.35 -3.19 -30.54
C MET A 413 2.85 -2.44 -31.77
N ILE A 414 3.72 -1.64 -32.39
CA ILE A 414 3.28 -0.89 -33.58
C ILE A 414 2.88 -1.85 -34.69
N CYS A 415 3.73 -2.85 -34.98
CA CYS A 415 3.42 -3.76 -36.08
C CYS A 415 2.18 -4.60 -35.77
N PHE A 416 2.06 -5.06 -34.53
CA PHE A 416 0.89 -5.85 -34.11
C PHE A 416 -0.38 -5.03 -34.24
N TYR A 417 -0.33 -3.77 -33.81
CA TYR A 417 -1.52 -2.92 -33.88
C TYR A 417 -1.83 -2.56 -35.32
N SER A 418 -0.82 -2.57 -36.19
CA SER A 418 -1.06 -2.32 -37.60
C SER A 418 -1.73 -3.51 -38.27
N LEU A 419 -1.36 -4.74 -37.90
CA LEU A 419 -1.80 -5.86 -38.72
C LEU A 419 -2.68 -6.88 -37.98
N GLU A 420 -2.26 -7.35 -36.81
CA GLU A 420 -2.82 -8.56 -36.21
C GLU A 420 -3.76 -8.29 -35.03
N LEU A 421 -4.64 -7.29 -35.11
CA LEU A 421 -5.66 -7.14 -34.07
C LEU A 421 -6.98 -7.79 -34.45
N LYS A 422 -7.43 -7.62 -35.70
CA LYS A 422 -8.80 -7.96 -36.10
C LYS A 422 -9.81 -7.21 -35.23
N TRP A 423 -9.79 -5.89 -35.39
CA TRP A 423 -10.52 -4.93 -34.56
C TRP A 423 -11.96 -5.35 -34.26
N ASP A 424 -12.59 -6.10 -35.16
CA ASP A 424 -13.97 -6.53 -34.94
C ASP A 424 -14.06 -7.45 -33.73
N GLU A 425 -13.07 -8.33 -33.55
CA GLU A 425 -13.08 -9.25 -32.42
C GLU A 425 -12.95 -8.51 -31.10
N SER A 426 -13.79 -8.88 -30.13
CA SER A 426 -13.75 -8.22 -28.83
C SER A 426 -12.46 -8.51 -28.08
N LYS A 427 -11.96 -9.74 -28.18
CA LYS A 427 -10.72 -10.17 -27.53
C LYS A 427 -9.57 -10.26 -28.51
N GLY A 428 -9.50 -9.32 -29.46
CA GLY A 428 -8.47 -9.36 -30.49
C GLY A 428 -7.06 -9.32 -29.97
N LEU A 429 -6.84 -8.78 -28.77
CA LEU A 429 -5.51 -8.78 -28.18
C LEU A 429 -5.02 -10.19 -27.88
N LEU A 430 -5.92 -11.15 -27.70
CA LEU A 430 -5.58 -12.55 -27.43
C LEU A 430 -6.17 -13.41 -28.54
N PRO A 431 -5.41 -13.69 -29.59
CA PRO A 431 -5.96 -14.50 -30.70
C PRO A 431 -6.29 -15.92 -30.25
N ASN A 432 -7.33 -16.48 -30.88
CA ASN A 432 -7.80 -17.82 -30.56
C ASN A 432 -7.13 -18.91 -31.38
N ASN A 433 -6.15 -18.55 -32.22
CA ASN A 433 -5.47 -19.56 -33.03
C ASN A 433 -4.74 -20.58 -32.17
N SER A 434 -4.09 -20.12 -31.10
CA SER A 434 -3.27 -20.91 -30.19
C SER A 434 -2.01 -21.43 -30.85
N GLU A 435 -1.82 -21.19 -32.14
CA GLU A 435 -0.59 -21.51 -32.85
C GLU A 435 -0.09 -20.23 -33.50
N GLU A 436 1.11 -19.79 -33.11
CA GLU A 436 1.63 -18.48 -33.49
C GLU A 436 2.38 -18.59 -34.80
N SER A 437 1.81 -18.01 -35.86
CA SER A 437 2.45 -17.96 -37.17
C SER A 437 2.26 -16.58 -37.80
N GLY A 438 2.08 -15.55 -36.98
CA GLY A 438 1.84 -14.23 -37.50
C GLY A 438 3.08 -13.62 -38.14
N ILE A 439 2.84 -12.58 -38.94
CA ILE A 439 3.93 -11.89 -39.62
C ILE A 439 4.83 -11.19 -38.62
N CYS A 440 4.25 -10.66 -37.54
CA CYS A 440 5.05 -9.96 -36.53
C CYS A 440 5.85 -10.94 -35.68
N HIS A 441 5.29 -12.12 -35.40
CA HIS A 441 6.01 -13.09 -34.58
C HIS A 441 7.29 -13.53 -35.26
N LYS A 442 7.24 -13.82 -36.56
CA LYS A 442 8.45 -14.01 -37.33
C LYS A 442 9.13 -12.67 -37.58
N TYR A 443 10.45 -12.69 -37.68
CA TYR A 443 11.25 -11.48 -37.83
C TYR A 443 12.06 -11.53 -39.13
N THR A 444 11.46 -12.06 -40.19
CA THR A 444 12.11 -12.11 -41.49
C THR A 444 12.20 -10.73 -42.14
N TYR A 445 11.36 -9.79 -41.73
CA TYR A 445 11.39 -8.46 -42.32
C TYR A 445 12.72 -7.76 -42.04
N GLY A 446 13.23 -7.90 -40.83
CA GLY A 446 14.51 -7.32 -40.46
C GLY A 446 14.44 -6.05 -39.65
N VAL A 447 13.25 -5.47 -39.48
CA VAL A 447 13.13 -4.25 -38.69
C VAL A 447 13.47 -4.52 -37.23
N ARG A 448 13.27 -5.76 -36.76
CA ARG A 448 13.64 -6.10 -35.40
C ARG A 448 15.14 -5.98 -35.20
N ALA A 449 15.93 -6.35 -36.21
CA ALA A 449 17.36 -6.19 -36.12
C ALA A 449 17.74 -4.72 -35.95
N ILE A 450 17.13 -3.84 -36.74
CA ILE A 450 17.46 -2.42 -36.65
C ILE A 450 17.05 -1.84 -35.30
N VAL A 451 15.85 -2.19 -34.81
CA VAL A 451 15.44 -1.70 -33.50
C VAL A 451 16.18 -2.37 -32.36
N GLN A 452 16.94 -3.42 -32.65
CA GLN A 452 17.88 -3.95 -31.66
C GLN A 452 19.22 -3.21 -31.71
N CYS A 453 19.65 -2.80 -32.91
CA CYS A 453 20.91 -2.06 -33.03
C CYS A 453 20.81 -0.62 -32.58
N ILE A 454 19.63 -0.01 -32.62
CA ILE A 454 19.50 1.45 -32.43
C ILE A 454 20.19 1.94 -31.15
N PRO A 455 20.07 1.28 -29.98
CA PRO A 455 20.81 1.82 -28.83
C PRO A 455 22.32 1.66 -28.98
N ALA A 456 22.77 0.51 -29.46
CA ALA A 456 24.18 0.34 -29.78
C ALA A 456 24.61 1.29 -30.89
N TRP A 457 23.71 1.58 -31.83
CA TRP A 457 24.00 2.56 -32.87
C TRP A 457 24.27 3.93 -32.27
N LEU A 458 23.43 4.35 -31.32
CA LEU A 458 23.62 5.63 -30.65
C LEU A 458 24.93 5.64 -29.86
N ARG A 459 25.22 4.55 -29.16
CA ARG A 459 26.46 4.49 -28.38
C ARG A 459 27.69 4.55 -29.30
N PHE A 460 27.65 3.83 -30.41
CA PHE A 460 28.76 3.80 -31.35
C PHE A 460 29.01 5.18 -31.95
N ILE A 461 27.94 5.86 -32.38
CA ILE A 461 28.12 7.18 -32.94
C ILE A 461 28.52 8.21 -31.88
N GLN A 462 28.01 8.09 -30.66
CA GLN A 462 28.48 8.96 -29.58
C GLN A 462 29.96 8.78 -29.31
N CYS A 463 30.44 7.54 -29.31
CA CYS A 463 31.86 7.29 -29.09
C CYS A 463 32.69 7.83 -30.25
N LEU A 464 32.21 7.69 -31.49
CA LEU A 464 32.92 8.28 -32.62
C LEU A 464 32.99 9.79 -32.50
N ARG A 465 31.89 10.43 -32.10
CA ARG A 465 31.89 11.88 -31.91
C ARG A 465 32.84 12.29 -30.79
N ARG A 466 32.87 11.52 -29.70
CA ARG A 466 33.81 11.83 -28.63
C ARG A 466 35.25 11.67 -29.07
N TYR A 467 35.56 10.66 -29.88
CA TYR A 467 36.89 10.53 -30.47
C TYR A 467 37.22 11.72 -31.35
N ARG A 468 36.29 12.16 -32.19
CA ARG A 468 36.52 13.33 -33.03
C ARG A 468 36.79 14.57 -32.17
N ASP A 469 36.07 14.70 -31.05
CA ASP A 469 36.31 15.82 -30.14
C ASP A 469 37.68 15.74 -29.48
N THR A 470 38.12 14.55 -29.08
CA THR A 470 39.34 14.40 -28.31
C THR A 470 40.54 13.93 -29.12
N LYS A 471 40.31 13.33 -30.29
CA LYS A 471 41.39 12.82 -31.14
C LYS A 471 42.30 11.86 -30.38
N ARG A 472 41.69 10.98 -29.59
CA ARG A 472 42.42 10.00 -28.79
C ARG A 472 41.84 8.62 -29.06
N ALA A 473 42.70 7.68 -29.47
CA ALA A 473 42.22 6.36 -29.86
C ALA A 473 41.83 5.52 -28.65
N PHE A 474 42.60 5.60 -27.57
CA PHE A 474 42.34 4.79 -26.38
C PHE A 474 41.45 5.57 -25.44
N PRO A 475 40.21 5.14 -25.18
CA PRO A 475 39.56 3.91 -25.63
C PRO A 475 38.45 4.13 -26.64
N HIS A 476 38.43 5.30 -27.30
CA HIS A 476 37.26 5.67 -28.09
C HIS A 476 37.04 4.73 -29.27
N LEU A 477 38.11 4.37 -29.98
CA LEU A 477 37.95 3.39 -31.04
C LEU A 477 37.75 1.98 -30.47
N VAL A 478 38.36 1.69 -29.32
CA VAL A 478 38.09 0.42 -28.65
C VAL A 478 36.63 0.34 -28.23
N ASN A 479 36.09 1.45 -27.70
CA ASN A 479 34.67 1.50 -27.37
C ASN A 479 33.80 1.37 -28.61
N ALA A 480 34.25 1.97 -29.72
CA ALA A 480 33.53 1.84 -30.97
C ALA A 480 33.48 0.38 -31.41
N GLY A 481 34.58 -0.34 -31.26
CA GLY A 481 34.58 -1.75 -31.57
C GLY A 481 33.66 -2.54 -30.67
N LYS A 482 33.68 -2.23 -29.37
CA LYS A 482 32.81 -2.93 -28.42
C LYS A 482 31.33 -2.70 -28.73
N TYR A 483 30.95 -1.49 -29.12
CA TYR A 483 29.58 -1.20 -29.49
C TYR A 483 29.27 -1.55 -30.94
N SER A 484 30.27 -1.93 -31.72
CA SER A 484 30.06 -2.30 -33.11
C SER A 484 29.96 -3.81 -33.31
N THR A 485 30.57 -4.59 -32.42
CA THR A 485 30.47 -6.04 -32.53
C THR A 485 29.03 -6.52 -32.43
N THR A 486 28.17 -5.78 -31.72
CA THR A 486 26.79 -6.20 -31.56
C THR A 486 25.96 -5.99 -32.82
N PHE A 487 26.31 -5.02 -33.67
CA PHE A 487 25.67 -4.94 -34.98
C PHE A 487 25.85 -6.24 -35.75
N PHE A 488 27.10 -6.72 -35.83
CA PHE A 488 27.33 -7.96 -36.54
C PHE A 488 26.73 -9.16 -35.82
N MET A 489 26.71 -9.13 -34.48
CA MET A 489 25.96 -10.11 -33.71
C MET A 489 24.53 -10.25 -34.21
N VAL A 490 23.76 -9.17 -34.14
CA VAL A 490 22.35 -9.25 -34.51
C VAL A 490 22.19 -9.48 -36.00
N THR A 491 23.12 -8.98 -36.82
CA THR A 491 23.05 -9.22 -38.27
C THR A 491 23.10 -10.70 -38.49
N PHE A 492 24.17 -11.31 -38.02
CA PHE A 492 24.35 -12.74 -38.25
C PHE A 492 23.19 -13.53 -37.67
N ALA A 493 22.70 -13.14 -36.49
CA ALA A 493 21.57 -13.85 -35.89
C ALA A 493 20.35 -13.82 -36.79
N ALA A 494 19.94 -12.63 -37.22
CA ALA A 494 18.74 -12.50 -38.04
C ALA A 494 18.93 -13.14 -39.40
N LEU A 495 20.10 -12.94 -40.03
CA LEU A 495 20.34 -13.50 -41.34
C LEU A 495 20.35 -15.02 -41.30
N TYR A 496 20.97 -15.61 -40.27
CA TYR A 496 20.93 -17.06 -40.10
C TYR A 496 19.53 -17.55 -39.80
N SER A 497 18.74 -16.76 -39.07
CA SER A 497 17.35 -17.13 -38.84
C SER A 497 16.58 -17.24 -40.14
N THR A 498 16.70 -16.22 -40.99
CA THR A 498 16.02 -16.29 -42.30
C THR A 498 16.59 -17.40 -43.16
N HIS A 499 17.91 -17.63 -43.07
CA HIS A 499 18.55 -18.68 -43.86
C HIS A 499 18.01 -20.04 -43.48
N LYS A 500 17.84 -20.29 -42.18
CA LYS A 500 17.25 -21.54 -41.72
C LYS A 500 15.77 -21.62 -42.08
N GLU A 501 15.07 -20.49 -42.03
CA GLU A 501 13.66 -20.48 -42.41
C GLU A 501 13.48 -20.90 -43.86
N ARG A 502 14.33 -20.40 -44.75
CA ARG A 502 14.28 -20.83 -46.15
C ARG A 502 15.15 -22.06 -46.40
N GLY A 503 15.96 -22.48 -45.44
CA GLY A 503 16.63 -23.77 -45.48
C GLY A 503 17.64 -24.02 -46.57
N HIS A 504 18.57 -23.09 -46.79
CA HIS A 504 19.68 -23.34 -47.70
C HIS A 504 20.76 -24.15 -46.99
N SER A 505 21.93 -24.27 -47.61
CA SER A 505 22.98 -25.15 -47.09
C SER A 505 23.97 -24.41 -46.19
N ASP A 506 24.10 -23.09 -46.33
CA ASP A 506 25.05 -22.32 -45.54
C ASP A 506 24.55 -22.01 -44.14
N THR A 507 23.47 -22.67 -43.71
CA THR A 507 22.89 -22.41 -42.39
C THR A 507 23.88 -22.76 -41.29
N MET A 508 24.54 -23.92 -41.40
CA MET A 508 25.51 -24.33 -40.38
C MET A 508 26.72 -23.41 -40.36
N VAL A 509 27.20 -22.99 -41.52
CA VAL A 509 28.34 -22.09 -41.58
C VAL A 509 28.01 -20.76 -40.93
N PHE A 510 26.82 -20.23 -41.22
CA PHE A 510 26.45 -18.94 -40.64
C PHE A 510 26.13 -19.08 -39.16
N PHE A 511 25.66 -20.24 -38.72
CA PHE A 511 25.49 -20.49 -37.30
C PHE A 511 26.85 -20.50 -36.59
N TYR A 512 27.86 -21.12 -37.21
CA TYR A 512 29.20 -21.08 -36.64
C TYR A 512 29.73 -19.66 -36.57
N LEU A 513 29.51 -18.87 -37.62
CA LEU A 513 29.92 -17.47 -37.60
C LEU A 513 29.21 -16.71 -36.48
N TRP A 514 27.92 -16.96 -36.30
CA TRP A 514 27.17 -16.28 -35.26
C TRP A 514 27.62 -16.70 -33.87
N ILE A 515 28.01 -17.97 -33.68
CA ILE A 515 28.47 -18.39 -32.36
C ILE A 515 29.86 -17.84 -32.04
N VAL A 516 30.75 -17.76 -33.04
CA VAL A 516 32.06 -17.19 -32.74
C VAL A 516 31.93 -15.69 -32.47
N PHE A 517 31.05 -15.02 -33.20
CA PHE A 517 30.84 -13.59 -32.93
C PHE A 517 30.14 -13.38 -31.59
N TYR A 518 29.18 -14.25 -31.25
CA TYR A 518 28.67 -14.36 -29.89
C TYR A 518 29.79 -14.33 -28.86
N ILE A 519 30.71 -15.29 -28.98
CA ILE A 519 31.75 -15.44 -27.96
C ILE A 519 32.61 -14.19 -27.89
N ILE A 520 33.05 -13.68 -29.05
CA ILE A 520 33.97 -12.55 -29.03
C ILE A 520 33.29 -11.29 -28.51
N SER A 521 32.04 -11.05 -28.93
CA SER A 521 31.33 -9.86 -28.47
C SER A 521 31.07 -9.91 -26.97
N SER A 522 30.61 -11.06 -26.47
CA SER A 522 30.33 -11.18 -25.05
C SER A 522 31.60 -11.04 -24.23
N CYS A 523 32.71 -11.65 -24.69
CA CYS A 523 33.97 -11.50 -23.99
C CYS A 523 34.45 -10.06 -24.00
N TYR A 524 34.32 -9.39 -25.14
CA TYR A 524 34.68 -7.98 -25.26
C TYR A 524 33.95 -7.15 -24.21
N THR A 525 32.62 -7.30 -24.15
CA THR A 525 31.83 -6.53 -23.21
C THR A 525 32.16 -6.89 -21.76
N LEU A 526 32.30 -8.18 -21.47
CA LEU A 526 32.57 -8.60 -20.09
C LEU A 526 33.91 -8.05 -19.61
N ILE A 527 34.96 -8.16 -20.45
CA ILE A 527 36.27 -7.70 -20.03
C ILE A 527 36.30 -6.19 -19.90
N TRP A 528 35.63 -5.47 -20.80
CA TRP A 528 35.65 -4.01 -20.65
C TRP A 528 34.90 -3.60 -19.39
N ASP A 529 33.72 -4.20 -19.13
CA ASP A 529 33.00 -3.88 -17.91
C ASP A 529 33.83 -4.19 -16.68
N LEU A 530 34.60 -5.28 -16.71
CA LEU A 530 35.40 -5.64 -15.55
C LEU A 530 36.67 -4.80 -15.40
N LYS A 531 37.17 -4.22 -16.49
CA LYS A 531 38.48 -3.56 -16.47
C LYS A 531 38.40 -2.05 -16.49
N MET A 532 37.65 -1.45 -17.42
CA MET A 532 37.67 0.01 -17.54
C MET A 532 36.46 0.67 -16.90
N ASP A 533 35.27 0.06 -17.03
CA ASP A 533 34.08 0.66 -16.43
C ASP A 533 34.12 0.54 -14.90
N TRP A 534 34.25 -0.68 -14.39
CA TRP A 534 34.36 -0.86 -12.95
C TRP A 534 35.75 -0.51 -12.45
N GLY A 535 36.77 -0.67 -13.28
CA GLY A 535 38.13 -0.38 -12.87
C GLY A 535 38.81 -1.47 -12.07
N LEU A 536 38.22 -2.66 -12.01
CA LEU A 536 38.75 -3.73 -11.19
C LEU A 536 40.01 -4.32 -11.81
N PHE A 537 40.57 -5.35 -11.15
CA PHE A 537 41.81 -5.99 -11.57
C PHE A 537 42.94 -4.96 -11.68
N ASP A 538 42.97 -4.01 -10.75
CA ASP A 538 44.00 -2.98 -10.76
C ASP A 538 45.33 -3.55 -10.25
N LYS A 539 46.41 -3.18 -10.93
CA LYS A 539 47.73 -3.65 -10.53
C LYS A 539 48.14 -3.06 -9.18
N ASN A 540 47.79 -1.80 -8.94
CA ASN A 540 48.13 -1.10 -7.71
C ASN A 540 47.17 -1.42 -6.56
N ALA A 541 46.39 -2.49 -6.68
CA ALA A 541 45.40 -2.81 -5.66
C ALA A 541 46.05 -3.12 -4.31
N GLY A 542 47.11 -3.92 -4.32
CA GLY A 542 47.76 -4.31 -3.08
C GLY A 542 46.98 -5.36 -2.32
N GLU A 543 46.41 -4.97 -1.18
CA GLU A 543 45.66 -5.91 -0.35
C GLU A 543 44.41 -6.41 -1.06
N ASN A 544 43.68 -5.51 -1.72
CA ASN A 544 42.44 -5.87 -2.40
C ASN A 544 42.71 -6.85 -3.53
N THR A 545 42.22 -8.08 -3.39
CA THR A 545 42.45 -9.12 -4.39
C THR A 545 41.58 -8.88 -5.61
N PHE A 546 42.22 -8.68 -6.76
CA PHE A 546 41.52 -8.53 -8.05
C PHE A 546 40.53 -7.37 -8.02
N LEU A 547 40.84 -6.32 -7.27
CA LEU A 547 39.94 -5.17 -7.16
C LEU A 547 40.71 -3.86 -7.35
N ARG A 548 40.07 -2.74 -7.06
CA ARG A 548 40.75 -1.45 -7.08
C ARG A 548 41.57 -1.26 -5.81
N GLU A 549 42.47 -0.27 -5.86
CA GLU A 549 43.29 0.04 -4.69
C GLU A 549 42.44 0.55 -3.54
N GLU A 550 41.46 1.40 -3.84
CA GLU A 550 40.58 1.97 -2.83
C GLU A 550 39.13 1.64 -3.19
N ILE A 551 38.33 1.32 -2.19
CA ILE A 551 36.94 0.92 -2.38
C ILE A 551 36.06 1.74 -1.45
N VAL A 552 34.90 2.16 -1.96
CA VAL A 552 33.97 2.96 -1.18
C VAL A 552 32.90 2.09 -0.52
N TYR A 553 32.42 1.08 -1.24
CA TYR A 553 31.33 0.26 -0.74
C TYR A 553 31.78 -0.54 0.49
N PRO A 554 30.87 -0.81 1.44
CA PRO A 554 31.30 -1.33 2.75
C PRO A 554 32.04 -2.66 2.69
N GLN A 555 31.69 -3.55 1.78
CA GLN A 555 32.25 -4.90 1.77
C GLN A 555 32.81 -5.24 0.41
N LYS A 556 33.96 -5.91 0.41
CA LYS A 556 34.55 -6.38 -0.84
C LYS A 556 33.82 -7.60 -1.38
N ALA A 557 33.11 -8.32 -0.52
CA ALA A 557 32.28 -9.44 -0.99
C ALA A 557 31.23 -8.95 -1.97
N TYR A 558 30.74 -7.72 -1.77
CA TYR A 558 29.85 -7.10 -2.74
C TYR A 558 30.54 -6.99 -4.10
N TYR A 559 31.79 -6.54 -4.10
CA TYR A 559 32.56 -6.44 -5.35
C TYR A 559 32.70 -7.81 -6.01
N TYR A 560 33.06 -8.83 -5.23
CA TYR A 560 33.29 -10.16 -5.80
C TYR A 560 32.00 -10.74 -6.38
N CYS A 561 30.90 -10.63 -5.64
CA CYS A 561 29.63 -11.13 -6.14
C CYS A 561 29.19 -10.33 -7.37
N ALA A 562 29.55 -9.04 -7.43
CA ALA A 562 29.28 -8.26 -8.63
C ALA A 562 30.06 -8.81 -9.83
N ILE A 563 31.33 -9.16 -9.62
CA ILE A 563 32.11 -9.77 -10.71
C ILE A 563 31.46 -11.05 -11.19
N ILE A 564 31.08 -11.93 -10.26
CA ILE A 564 30.47 -13.21 -10.67
C ILE A 564 29.15 -12.96 -11.40
N GLU A 565 28.33 -12.06 -10.87
CA GLU A 565 27.04 -11.79 -11.49
C GLU A 565 27.20 -11.20 -12.88
N ASP A 566 28.15 -10.28 -13.05
CA ASP A 566 28.39 -9.70 -14.37
C ASP A 566 28.91 -10.75 -15.34
N VAL A 567 29.77 -11.65 -14.86
CA VAL A 567 30.29 -12.71 -15.72
C VAL A 567 29.15 -13.62 -16.18
N ILE A 568 28.27 -14.01 -15.27
CA ILE A 568 27.18 -14.92 -15.64
C ILE A 568 26.19 -14.23 -16.58
N LEU A 569 25.75 -13.02 -16.25
CA LEU A 569 24.69 -12.38 -17.02
C LEU A 569 25.19 -11.66 -18.26
N ARG A 570 26.50 -11.48 -18.41
CA ARG A 570 27.05 -10.93 -19.63
C ARG A 570 27.06 -11.95 -20.77
N PHE A 571 27.00 -13.23 -20.44
CA PHE A 571 26.82 -14.30 -21.42
C PHE A 571 25.37 -14.48 -21.84
N ALA A 572 24.43 -14.35 -20.90
CA ALA A 572 23.04 -14.64 -21.20
C ALA A 572 22.36 -13.51 -21.95
N TRP A 573 22.84 -12.27 -21.80
CA TRP A 573 22.16 -11.14 -22.44
C TRP A 573 22.36 -11.16 -23.95
N THR A 574 23.51 -11.63 -24.41
CA THR A 574 23.70 -11.85 -25.84
C THR A 574 22.77 -12.95 -26.36
N ILE A 575 22.55 -13.99 -25.56
CA ILE A 575 21.55 -14.98 -25.92
C ILE A 575 20.17 -14.33 -25.99
N GLN A 576 19.90 -13.37 -25.10
CA GLN A 576 18.65 -12.64 -25.15
C GLN A 576 18.49 -11.88 -26.46
N ILE A 577 19.57 -11.28 -26.94
CA ILE A 577 19.53 -10.66 -28.27
C ILE A 577 19.23 -11.72 -29.33
N SER A 578 19.93 -12.85 -29.25
CA SER A 578 19.86 -13.85 -30.32
C SER A 578 18.46 -14.45 -30.42
N ILE A 579 17.84 -14.79 -29.29
CA ILE A 579 16.58 -15.55 -29.33
C ILE A 579 15.46 -14.73 -29.95
N THR A 580 15.42 -13.43 -29.66
CA THR A 580 14.40 -12.56 -30.21
C THR A 580 14.65 -12.17 -31.65
N SER A 581 15.64 -12.78 -32.30
CA SER A 581 15.86 -12.67 -33.74
C SER A 581 15.37 -13.92 -34.46
N THR A 582 14.22 -14.44 -34.01
CA THR A 582 13.65 -15.73 -34.44
C THR A 582 14.73 -16.79 -34.65
N THR A 583 15.58 -16.94 -33.63
CA THR A 583 16.57 -18.01 -33.61
C THR A 583 16.03 -19.27 -32.94
N LEU A 584 15.17 -19.11 -31.94
CA LEU A 584 14.52 -20.23 -31.25
C LEU A 584 13.01 -19.99 -31.35
N LEU A 585 12.43 -20.46 -32.46
CA LEU A 585 11.00 -20.27 -32.74
C LEU A 585 10.08 -21.01 -31.78
N PRO A 586 10.48 -22.13 -31.15
CA PRO A 586 9.62 -22.72 -30.11
C PRO A 586 9.31 -21.71 -29.00
N HIS A 587 8.27 -22.06 -28.23
CA HIS A 587 7.84 -21.19 -27.15
C HIS A 587 8.88 -21.04 -26.04
N SER A 588 9.86 -21.93 -25.99
CA SER A 588 10.92 -21.81 -24.99
C SER A 588 11.72 -20.53 -25.18
N GLY A 589 11.82 -20.06 -26.42
CA GLY A 589 12.55 -18.81 -26.67
C GLY A 589 11.90 -17.62 -25.97
N ASP A 590 10.58 -17.51 -26.09
CA ASP A 590 9.88 -16.41 -25.43
C ASP A 590 9.96 -16.53 -23.91
N ILE A 591 9.82 -17.75 -23.38
CA ILE A 591 9.98 -17.97 -21.94
C ILE A 591 11.35 -17.49 -21.47
N ILE A 592 12.40 -17.92 -22.16
CA ILE A 592 13.75 -17.60 -21.71
C ILE A 592 14.05 -16.13 -21.90
N ALA A 593 13.49 -15.49 -22.94
CA ALA A 593 13.68 -14.06 -23.12
C ALA A 593 12.99 -13.26 -22.01
N THR A 594 11.74 -13.63 -21.68
CA THR A 594 11.02 -12.93 -20.63
C THR A 594 11.65 -13.19 -19.27
N VAL A 595 12.35 -14.31 -19.10
CA VAL A 595 13.06 -14.53 -17.83
C VAL A 595 14.39 -13.79 -17.80
N PHE A 596 15.07 -13.65 -18.94
CA PHE A 596 16.41 -13.10 -18.94
C PHE A 596 16.44 -11.58 -19.03
N ALA A 597 15.42 -10.96 -19.62
CA ALA A 597 15.41 -9.49 -19.69
C ALA A 597 15.44 -8.83 -18.31
N PRO A 598 14.62 -9.24 -17.33
CA PRO A 598 14.81 -8.69 -15.97
C PRO A 598 16.19 -8.93 -15.41
N LEU A 599 16.79 -10.09 -15.71
CA LEU A 599 18.16 -10.35 -15.28
C LEU A 599 19.13 -9.38 -15.94
N GLU A 600 18.90 -9.04 -17.21
CA GLU A 600 19.73 -8.06 -17.89
C GLU A 600 19.59 -6.69 -17.23
N VAL A 601 18.37 -6.31 -16.84
CA VAL A 601 18.18 -5.02 -16.17
C VAL A 601 18.87 -5.02 -14.81
N PHE A 602 18.81 -6.14 -14.09
CA PHE A 602 19.50 -6.24 -12.81
C PHE A 602 21.01 -6.14 -12.99
N ARG A 603 21.55 -6.77 -14.03
CA ARG A 603 22.97 -6.67 -14.34
C ARG A 603 23.34 -5.22 -14.64
N ARG A 604 22.50 -4.53 -15.40
CA ARG A 604 22.76 -3.12 -15.69
C ARG A 604 22.68 -2.26 -14.44
N PHE A 605 21.80 -2.62 -13.50
CA PHE A 605 21.72 -1.92 -12.23
C PHE A 605 23.02 -2.05 -11.43
N VAL A 606 23.54 -3.27 -11.34
CA VAL A 606 24.81 -3.48 -10.65
C VAL A 606 25.94 -2.75 -11.36
N TRP A 607 25.95 -2.81 -12.69
CA TRP A 607 26.96 -2.11 -13.46
C TRP A 607 26.88 -0.61 -13.23
N ASN A 608 25.67 -0.06 -13.09
CA ASN A 608 25.52 1.36 -12.80
C ASN A 608 26.12 1.70 -11.44
N PHE A 609 25.80 0.89 -10.42
CA PHE A 609 26.45 1.03 -9.12
C PHE A 609 27.96 1.18 -9.28
N PHE A 610 28.60 0.16 -9.86
CA PHE A 610 30.05 0.13 -9.84
C PHE A 610 30.68 1.11 -10.82
N ARG A 611 30.01 1.40 -11.95
CA ARG A 611 30.53 2.40 -12.88
C ARG A 611 30.51 3.78 -12.25
N LEU A 612 29.42 4.16 -11.58
CA LEU A 612 29.41 5.45 -10.89
C LEU A 612 30.45 5.51 -9.79
N GLU A 613 30.59 4.42 -9.03
CA GLU A 613 31.58 4.40 -7.95
C GLU A 613 32.99 4.58 -8.50
N ASN A 614 33.31 3.90 -9.60
CA ASN A 614 34.63 4.05 -10.21
C ASN A 614 34.80 5.45 -10.79
N GLU A 615 33.76 5.99 -11.41
CA GLU A 615 33.86 7.31 -12.03
C GLU A 615 34.15 8.39 -11.00
N HIS A 616 33.52 8.28 -9.83
CA HIS A 616 33.82 9.24 -8.75
C HIS A 616 35.28 9.14 -8.32
N LEU A 617 35.78 7.92 -8.18
CA LEU A 617 37.13 7.73 -7.66
C LEU A 617 38.19 8.15 -8.67
N ASN A 618 38.23 7.45 -9.82
CA ASN A 618 39.17 7.76 -10.90
C ASN A 618 38.36 8.19 -12.12
N ASN A 619 38.64 9.39 -12.62
CA ASN A 619 37.93 9.91 -13.79
C ASN A 619 38.11 8.97 -14.97
N CYS A 620 37.04 8.31 -15.39
CA CYS A 620 37.06 7.37 -16.49
C CYS A 620 36.35 7.98 -17.69
N GLY A 621 36.94 7.78 -18.87
CA GLY A 621 36.41 8.37 -20.09
C GLY A 621 36.76 9.82 -20.29
N GLU A 622 37.54 10.42 -19.37
CA GLU A 622 37.97 11.82 -19.48
C GLU A 622 36.76 12.76 -19.62
N PHE A 623 35.75 12.54 -18.78
CA PHE A 623 34.57 13.40 -18.80
C PHE A 623 34.84 14.72 -18.08
N ARG A 624 35.16 14.65 -16.80
CA ARG A 624 35.49 15.84 -16.03
C ARG A 624 36.88 16.33 -16.39
N ALA A 625 37.11 17.63 -16.18
CA ALA A 625 38.43 18.20 -16.45
C ALA A 625 39.49 17.65 -15.50
N VAL A 626 39.12 17.41 -14.24
CA VAL A 626 40.05 16.87 -13.26
C VAL A 626 40.44 15.44 -13.62
N ALA B 226 7.93 16.41 20.90
CA ALA B 226 7.28 16.17 19.62
C ALA B 226 8.30 15.82 18.54
N GLN B 227 9.11 14.81 18.81
CA GLN B 227 10.10 14.37 17.84
C GLN B 227 9.41 13.77 16.62
N PRO B 228 9.82 14.15 15.41
CA PRO B 228 9.18 13.59 14.22
C PRO B 228 9.42 12.09 14.10
N ALA B 229 8.42 11.41 13.52
CA ALA B 229 8.52 9.96 13.37
C ALA B 229 9.56 9.62 12.30
N PRO B 230 10.23 8.47 12.43
CA PRO B 230 11.19 8.05 11.42
C PRO B 230 10.52 7.81 10.08
N ALA B 231 11.28 8.03 9.00
CA ALA B 231 10.75 7.81 7.66
C ALA B 231 10.38 6.36 7.44
N TRP B 232 11.04 5.43 8.14
CA TRP B 232 10.69 4.02 8.03
C TRP B 232 9.27 3.77 8.54
N THR B 233 8.89 4.40 9.65
CA THR B 233 7.54 4.26 10.16
C THR B 233 6.51 4.84 9.19
N THR B 234 6.82 5.98 8.58
CA THR B 234 5.93 6.56 7.58
C THR B 234 5.77 5.64 6.38
N PHE B 235 6.87 5.03 5.93
CA PHE B 235 6.77 4.08 4.83
C PHE B 235 5.93 2.88 5.22
N ARG B 236 6.09 2.40 6.46
CA ARG B 236 5.31 1.24 6.91
C ARG B 236 3.82 1.55 6.96
N VAL B 237 3.46 2.72 7.50
CA VAL B 237 2.04 3.05 7.57
C VAL B 237 1.47 3.28 6.18
N GLY B 238 2.26 3.88 5.28
CA GLY B 238 1.80 4.01 3.91
C GLY B 238 1.57 2.67 3.24
N LEU B 239 2.50 1.73 3.45
CA LEU B 239 2.35 0.38 2.90
C LEU B 239 1.08 -0.29 3.43
N PHE B 240 0.86 -0.19 4.74
CA PHE B 240 -0.32 -0.80 5.33
C PHE B 240 -1.60 -0.16 4.81
N CYS B 241 -1.59 1.18 4.66
CA CYS B 241 -2.77 1.87 4.15
C CYS B 241 -3.07 1.48 2.71
N GLY B 242 -2.03 1.35 1.87
CA GLY B 242 -2.26 0.94 0.50
C GLY B 242 -2.78 -0.48 0.41
N ILE B 243 -2.18 -1.40 1.18
CA ILE B 243 -2.68 -2.78 1.20
C ILE B 243 -4.13 -2.79 1.68
N PHE B 244 -4.45 -1.98 2.68
CA PHE B 244 -5.80 -1.95 3.23
C PHE B 244 -6.81 -1.44 2.22
N ILE B 245 -6.47 -0.36 1.50
CA ILE B 245 -7.43 0.22 0.57
C ILE B 245 -7.65 -0.72 -0.61
N VAL B 246 -6.58 -1.37 -1.10
CA VAL B 246 -6.75 -2.29 -2.21
C VAL B 246 -7.54 -3.52 -1.75
N LEU B 247 -7.25 -4.03 -0.55
CA LEU B 247 -7.99 -5.18 -0.03
C LEU B 247 -9.45 -4.82 0.20
N ASN B 248 -9.74 -3.58 0.59
CA ASN B 248 -11.12 -3.15 0.79
C ASN B 248 -11.86 -3.04 -0.54
N ILE B 249 -11.19 -2.53 -1.57
CA ILE B 249 -11.81 -2.50 -2.90
C ILE B 249 -12.08 -3.93 -3.38
N THR B 250 -11.13 -4.84 -3.17
CA THR B 250 -11.34 -6.25 -3.49
C THR B 250 -12.49 -6.86 -2.72
N LEU B 251 -12.61 -6.54 -1.43
CA LEU B 251 -13.72 -7.01 -0.61
C LEU B 251 -15.06 -6.52 -1.15
N VAL B 252 -15.14 -5.24 -1.52
CA VAL B 252 -16.38 -4.70 -2.06
C VAL B 252 -16.72 -5.40 -3.37
N LEU B 253 -15.73 -5.58 -4.25
CA LEU B 253 -15.99 -6.24 -5.52
C LEU B 253 -16.43 -7.69 -5.33
N ALA B 254 -15.80 -8.40 -4.39
CA ALA B 254 -16.19 -9.78 -4.11
C ALA B 254 -17.60 -9.85 -3.55
N ALA B 255 -17.95 -8.92 -2.65
CA ALA B 255 -19.30 -8.89 -2.12
C ALA B 255 -20.33 -8.62 -3.21
N VAL B 256 -20.01 -7.71 -4.13
CA VAL B 256 -20.93 -7.43 -5.24
C VAL B 256 -21.07 -8.65 -6.15
N PHE B 257 -19.95 -9.33 -6.44
CA PHE B 257 -19.94 -10.38 -7.45
C PHE B 257 -20.03 -11.77 -6.86
N LYS B 258 -19.08 -12.15 -5.99
CA LYS B 258 -18.99 -13.52 -5.49
C LYS B 258 -19.60 -13.56 -4.08
N LEU B 259 -20.91 -13.83 -4.03
CA LEU B 259 -21.60 -14.02 -2.77
C LEU B 259 -22.85 -14.84 -3.03
N GLU B 260 -23.25 -15.62 -2.02
CA GLU B 260 -24.40 -16.49 -2.11
C GLU B 260 -25.56 -15.87 -1.33
N THR B 261 -26.68 -15.67 -2.01
CA THR B 261 -27.88 -15.14 -1.37
C THR B 261 -28.74 -16.23 -0.73
N ASP B 262 -28.42 -17.50 -0.95
CA ASP B 262 -29.17 -18.57 -0.31
C ASP B 262 -28.85 -18.68 1.16
N ARG B 263 -27.64 -18.31 1.57
CA ARG B 263 -27.20 -18.39 2.95
C ARG B 263 -27.20 -17.00 3.57
N SER B 264 -27.49 -16.95 4.87
CA SER B 264 -27.59 -15.68 5.58
C SER B 264 -26.20 -15.16 5.90
N ILE B 265 -25.84 -14.01 5.30
CA ILE B 265 -24.55 -13.37 5.58
C ILE B 265 -24.55 -12.58 6.87
N TRP B 266 -25.69 -12.48 7.55
CA TRP B 266 -25.77 -11.64 8.74
C TRP B 266 -24.85 -12.06 9.88
N PRO B 267 -24.71 -13.34 10.23
CA PRO B 267 -23.73 -13.68 11.28
C PRO B 267 -22.33 -13.21 10.96
N LEU B 268 -21.90 -13.33 9.70
CA LEU B 268 -20.57 -12.87 9.31
C LEU B 268 -20.43 -11.37 9.50
N ILE B 269 -21.45 -10.61 9.08
CA ILE B 269 -21.41 -9.16 9.21
C ILE B 269 -21.36 -8.77 10.69
N ARG B 270 -22.17 -9.42 11.52
CA ARG B 270 -22.20 -9.09 12.94
C ARG B 270 -20.86 -9.43 13.61
N ILE B 271 -20.25 -10.54 13.22
CA ILE B 271 -18.97 -10.92 13.81
C ILE B 271 -17.88 -9.94 13.41
N TYR B 272 -17.82 -9.56 12.13
CA TYR B 272 -16.75 -8.69 11.67
C TYR B 272 -17.00 -7.22 11.96
N ARG B 273 -18.22 -6.85 12.37
CA ARG B 273 -18.51 -5.45 12.67
C ARG B 273 -17.67 -4.94 13.84
N GLY B 274 -17.49 -5.77 14.87
CA GLY B 274 -16.67 -5.35 15.99
C GLY B 274 -15.23 -5.10 15.60
N GLY B 275 -14.65 -5.98 14.79
CA GLY B 275 -13.30 -5.76 14.30
C GLY B 275 -13.18 -4.50 13.47
N PHE B 276 -14.15 -4.28 12.57
CA PHE B 276 -14.12 -3.08 11.74
C PHE B 276 -14.23 -1.83 12.60
N LEU B 277 -15.08 -1.86 13.63
CA LEU B 277 -15.21 -0.71 14.52
C LEU B 277 -13.91 -0.47 15.29
N LEU B 278 -13.23 -1.54 15.71
CA LEU B 278 -11.94 -1.37 16.38
C LEU B 278 -10.91 -0.74 15.45
N ILE B 279 -10.89 -1.17 14.18
CA ILE B 279 -9.95 -0.59 13.22
C ILE B 279 -10.24 0.89 13.03
N GLU B 280 -11.52 1.23 12.86
CA GLU B 280 -11.91 2.63 12.69
C GLU B 280 -11.55 3.45 13.93
N PHE B 281 -11.75 2.88 15.11
CA PHE B 281 -11.40 3.59 16.34
C PHE B 281 -9.91 3.85 16.43
N LEU B 282 -9.09 2.86 16.06
CA LEU B 282 -7.64 3.08 16.09
C LEU B 282 -7.22 4.14 15.10
N PHE B 283 -7.78 4.12 13.89
CA PHE B 283 -7.44 5.12 12.88
C PHE B 283 -7.86 6.52 13.34
N LEU B 284 -9.07 6.63 13.87
CA LEU B 284 -9.55 7.93 14.36
C LEU B 284 -8.77 8.40 15.57
N LEU B 285 -8.28 7.46 16.39
CA LEU B 285 -7.44 7.84 17.52
C LEU B 285 -6.07 8.34 17.06
N GLY B 286 -5.54 7.75 15.99
CA GLY B 286 -4.34 8.31 15.38
C GLY B 286 -4.56 9.72 14.88
N ILE B 287 -5.70 9.95 14.21
CA ILE B 287 -6.04 11.31 13.77
C ILE B 287 -6.15 12.23 14.97
N ASN B 288 -6.73 11.74 16.07
CA ASN B 288 -6.86 12.52 17.29
C ASN B 288 -5.50 12.91 17.85
N THR B 289 -4.56 11.96 17.87
CA THR B 289 -3.22 12.25 18.39
C THR B 289 -2.52 13.28 17.51
N TYR B 290 -2.66 13.15 16.19
CA TYR B 290 -2.09 14.16 15.30
C TYR B 290 -2.67 15.54 15.58
N GLY B 291 -3.99 15.63 15.65
CA GLY B 291 -4.63 16.91 15.90
C GLY B 291 -4.24 17.49 17.24
N TRP B 292 -4.08 16.64 18.25
CA TRP B 292 -3.67 17.11 19.57
C TRP B 292 -2.26 17.67 19.54
N ARG B 293 -1.33 16.92 18.95
CA ARG B 293 0.06 17.37 18.96
C ARG B 293 0.28 18.57 18.07
N GLN B 294 -0.57 18.78 17.06
CA GLN B 294 -0.38 19.95 16.20
C GLN B 294 -1.17 21.16 16.66
N ALA B 295 -2.28 20.98 17.38
CA ALA B 295 -3.07 22.12 17.82
C ALA B 295 -2.39 22.86 18.97
N GLY B 296 -1.85 22.13 19.94
CA GLY B 296 -1.21 22.74 21.08
C GLY B 296 -1.57 22.08 22.40
N VAL B 297 -2.67 21.33 22.42
CA VAL B 297 -3.07 20.61 23.63
C VAL B 297 -2.01 19.60 24.00
N ASN B 298 -1.62 19.60 25.27
CA ASN B 298 -0.55 18.75 25.79
C ASN B 298 -1.17 17.44 26.29
N HIS B 299 -1.43 16.54 25.34
CA HIS B 299 -2.14 15.30 25.67
C HIS B 299 -1.27 14.37 26.51
N VAL B 300 0.04 14.34 26.26
CA VAL B 300 0.90 13.43 27.00
C VAL B 300 0.94 13.80 28.48
N LEU B 301 0.96 15.09 28.80
CA LEU B 301 0.87 15.52 30.18
C LEU B 301 -0.49 15.17 30.79
N ILE B 302 -1.56 15.36 30.03
CA ILE B 302 -2.90 15.09 30.54
C ILE B 302 -3.09 13.60 30.79
N PHE B 303 -2.68 12.78 29.82
CA PHE B 303 -2.79 11.33 29.98
C PHE B 303 -1.78 10.77 30.96
N GLU B 304 -0.83 11.59 31.41
CA GLU B 304 0.26 11.17 32.31
C GLU B 304 1.14 10.11 31.66
N LEU B 305 1.34 10.20 30.35
CA LEU B 305 2.22 9.30 29.65
C LEU B 305 3.67 9.68 29.89
N ASN B 306 4.57 8.79 29.48
CA ASN B 306 6.00 9.08 29.54
C ASN B 306 6.34 10.10 28.45
N PRO B 307 6.87 11.27 28.79
CA PRO B 307 7.16 12.26 27.74
C PRO B 307 8.14 11.78 26.68
N ARG B 308 9.09 10.92 27.05
CA ARG B 308 10.10 10.44 26.12
C ARG B 308 9.63 9.25 25.29
N SER B 309 8.70 8.46 25.81
CA SER B 309 8.26 7.24 25.14
C SER B 309 6.82 7.33 24.64
N ASN B 310 6.33 8.54 24.39
CA ASN B 310 4.96 8.70 23.89
C ASN B 310 4.87 8.18 22.46
N LEU B 311 3.67 7.72 22.09
CA LEU B 311 3.41 7.16 20.78
C LEU B 311 2.94 8.27 19.84
N SER B 312 3.64 8.43 18.73
CA SER B 312 3.20 9.38 17.71
C SER B 312 1.97 8.85 17.00
N HIS B 313 1.28 9.74 16.28
CA HIS B 313 0.12 9.34 15.51
C HIS B 313 0.48 8.37 14.39
N GLN B 314 1.73 8.40 13.94
CA GLN B 314 2.18 7.43 12.94
C GLN B 314 2.12 6.01 13.46
N HIS B 315 2.49 5.79 14.72
CA HIS B 315 2.43 4.45 15.30
C HIS B 315 0.99 3.95 15.40
N LEU B 316 0.07 4.82 15.82
CA LEU B 316 -1.33 4.44 15.89
C LEU B 316 -1.88 4.14 14.49
N PHE B 317 -1.51 4.96 13.51
CA PHE B 317 -1.92 4.70 12.13
C PHE B 317 -1.37 3.36 11.64
N GLU B 318 -0.12 3.05 11.98
CA GLU B 318 0.48 1.79 11.56
C GLU B 318 -0.23 0.60 12.20
N ILE B 319 -0.55 0.70 13.49
CA ILE B 319 -1.25 -0.38 14.17
C ILE B 319 -2.64 -0.58 13.56
N ALA B 320 -3.35 0.52 13.31
CA ALA B 320 -4.67 0.43 12.68
C ALA B 320 -4.57 -0.19 11.30
N GLY B 321 -3.55 0.19 10.52
CA GLY B 321 -3.39 -0.37 9.20
C GLY B 321 -3.10 -1.86 9.22
N PHE B 322 -2.20 -2.28 10.12
CA PHE B 322 -1.87 -3.70 10.19
C PHE B 322 -3.07 -4.53 10.65
N LEU B 323 -3.79 -4.05 11.67
CA LEU B 323 -4.98 -4.77 12.11
C LEU B 323 -6.06 -4.79 11.04
N GLY B 324 -6.17 -3.71 10.25
CA GLY B 324 -7.07 -3.72 9.12
C GLY B 324 -6.65 -4.70 8.04
N ILE B 325 -5.33 -4.85 7.84
CA ILE B 325 -4.84 -5.87 6.92
C ILE B 325 -5.30 -7.25 7.38
N LEU B 326 -5.14 -7.53 8.66
CA LEU B 326 -5.58 -8.82 9.20
C LEU B 326 -7.08 -9.01 9.03
N TRP B 327 -7.86 -7.96 9.33
CA TRP B 327 -9.31 -8.05 9.22
C TRP B 327 -9.75 -8.31 7.78
N CYS B 328 -9.15 -7.58 6.84
CA CYS B 328 -9.51 -7.73 5.43
C CYS B 328 -9.10 -9.10 4.92
N LEU B 329 -7.94 -9.60 5.32
CA LEU B 329 -7.54 -10.94 4.91
C LEU B 329 -8.49 -11.99 5.46
N SER B 330 -8.89 -11.85 6.73
CA SER B 330 -9.84 -12.80 7.30
C SER B 330 -11.18 -12.75 6.58
N LEU B 331 -11.67 -11.55 6.26
CA LEU B 331 -12.94 -11.43 5.57
C LEU B 331 -12.86 -12.02 4.16
N LEU B 332 -11.75 -11.78 3.46
CA LEU B 332 -11.58 -12.36 2.13
C LEU B 332 -11.54 -13.88 2.20
N ALA B 333 -10.83 -14.43 3.19
CA ALA B 333 -10.79 -15.88 3.36
C ALA B 333 -12.18 -16.43 3.68
N CYS B 334 -12.96 -15.69 4.46
CA CYS B 334 -14.31 -16.12 4.78
C CYS B 334 -15.22 -16.10 3.55
N PHE B 335 -15.01 -15.11 2.67
CA PHE B 335 -15.86 -15.00 1.49
C PHE B 335 -15.72 -16.22 0.59
N PHE B 336 -14.50 -16.58 0.24
CA PHE B 336 -14.20 -17.82 -0.47
C PHE B 336 -13.03 -18.50 0.22
N ALA B 337 -13.23 -19.73 0.67
CA ALA B 337 -12.20 -20.44 1.41
C ALA B 337 -11.06 -20.85 0.49
N PRO B 338 -9.84 -20.37 0.72
CA PRO B 338 -8.71 -20.86 -0.10
C PRO B 338 -8.44 -22.34 0.07
N ILE B 339 -8.68 -22.87 1.27
CA ILE B 339 -8.43 -24.28 1.58
C ILE B 339 -9.76 -24.94 1.91
N SER B 340 -10.06 -26.04 1.21
CA SER B 340 -11.30 -26.76 1.49
C SER B 340 -11.27 -27.42 2.86
N VAL B 341 -10.10 -27.88 3.30
CA VAL B 341 -9.99 -28.53 4.61
C VAL B 341 -10.32 -27.55 5.72
N ILE B 342 -9.78 -26.33 5.63
CA ILE B 342 -9.99 -25.32 6.67
C ILE B 342 -11.42 -24.80 6.61
N PRO B 343 -12.19 -24.92 7.69
CA PRO B 343 -13.55 -24.39 7.69
C PRO B 343 -13.55 -22.87 7.64
N THR B 344 -14.65 -22.32 7.12
CA THR B 344 -14.80 -20.87 7.03
C THR B 344 -15.16 -20.23 8.37
N TYR B 345 -15.53 -21.01 9.37
CA TYR B 345 -15.92 -20.47 10.66
C TYR B 345 -14.75 -20.24 11.61
N VAL B 346 -13.53 -20.62 11.21
CA VAL B 346 -12.36 -20.40 12.06
C VAL B 346 -11.65 -19.10 11.70
N TYR B 347 -11.85 -18.58 10.49
CA TYR B 347 -11.19 -17.34 10.09
C TYR B 347 -11.52 -16.16 11.01
N PRO B 348 -12.79 -15.88 11.36
CA PRO B 348 -13.02 -14.84 12.38
C PRO B 348 -12.42 -15.20 13.72
N LEU B 349 -12.49 -16.48 14.10
CA LEU B 349 -11.85 -16.92 15.34
C LEU B 349 -10.35 -16.71 15.28
N ALA B 350 -9.73 -17.04 14.14
CA ALA B 350 -8.30 -16.83 13.99
C ALA B 350 -7.94 -15.35 14.06
N LEU B 351 -8.73 -14.50 13.41
CA LEU B 351 -8.43 -13.07 13.41
C LEU B 351 -8.53 -12.48 14.83
N TYR B 352 -9.61 -12.81 15.54
CA TYR B 352 -9.77 -12.26 16.88
C TYR B 352 -8.78 -12.88 17.87
N GLY B 353 -8.42 -14.14 17.69
CA GLY B 353 -7.37 -14.72 18.50
C GLY B 353 -6.02 -14.06 18.27
N PHE B 354 -5.71 -13.76 17.00
CA PHE B 354 -4.48 -13.03 16.70
C PHE B 354 -4.51 -11.64 17.32
N MET B 355 -5.67 -10.97 17.26
CA MET B 355 -5.77 -9.64 17.87
C MET B 355 -5.55 -9.71 19.38
N VAL B 356 -6.18 -10.67 20.05
CA VAL B 356 -6.04 -10.77 21.50
C VAL B 356 -4.62 -11.20 21.87
N PHE B 357 -3.98 -12.03 21.05
CA PHE B 357 -2.60 -12.40 21.30
C PHE B 357 -1.67 -11.20 21.13
N PHE B 358 -1.93 -10.38 20.10
CA PHE B 358 -1.21 -9.12 19.95
C PHE B 358 -1.38 -8.25 21.18
N LEU B 359 -2.58 -8.23 21.76
CA LEU B 359 -2.83 -7.44 22.97
C LEU B 359 -2.15 -8.00 24.21
N ILE B 360 -1.97 -9.32 24.30
CA ILE B 360 -1.44 -9.96 25.50
C ILE B 360 0.00 -10.41 25.32
N ASN B 361 0.57 -10.27 24.11
CA ASN B 361 1.88 -10.80 23.73
C ASN B 361 2.90 -10.34 24.76
N PRO B 362 3.48 -11.27 25.52
CA PRO B 362 4.45 -10.88 26.57
C PRO B 362 5.81 -10.52 26.01
N THR B 363 6.16 -11.07 24.84
CA THR B 363 7.45 -10.79 24.23
C THR B 363 7.53 -9.32 23.82
N LYS B 364 8.67 -8.69 24.12
CA LYS B 364 8.84 -7.25 23.93
C LYS B 364 9.33 -6.95 22.52
N THR B 365 8.43 -7.13 21.56
CA THR B 365 8.71 -6.82 20.16
C THR B 365 7.81 -5.74 19.60
N PHE B 366 6.49 -5.90 19.72
CA PHE B 366 5.53 -5.00 19.08
C PHE B 366 4.96 -4.04 20.12
N TYR B 367 5.54 -2.85 20.21
CA TYR B 367 5.05 -1.78 21.08
C TYR B 367 4.85 -2.25 22.51
N TYR B 368 5.89 -2.89 23.06
CA TYR B 368 5.75 -3.53 24.36
C TYR B 368 5.42 -2.53 25.46
N LYS B 369 6.06 -1.36 25.43
CA LYS B 369 5.74 -0.33 26.42
C LYS B 369 4.28 0.10 26.32
N SER B 370 3.86 0.45 25.10
CA SER B 370 2.49 0.91 24.89
C SER B 370 1.48 -0.19 25.20
N ARG B 371 1.76 -1.42 24.77
CA ARG B 371 0.83 -2.53 25.00
C ARG B 371 0.71 -2.83 26.49
N PHE B 372 1.83 -2.81 27.22
CA PHE B 372 1.79 -3.07 28.65
C PHE B 372 1.06 -1.95 29.39
N TRP B 373 1.26 -0.71 28.97
CA TRP B 373 0.54 0.39 29.60
C TRP B 373 -0.96 0.26 29.35
N LEU B 374 -1.34 -0.13 28.14
CA LEU B 374 -2.76 -0.35 27.85
C LEU B 374 -3.33 -1.50 28.66
N LEU B 375 -2.57 -2.60 28.80
CA LEU B 375 -3.04 -3.73 29.58
C LEU B 375 -3.23 -3.36 31.05
N LYS B 376 -2.25 -2.67 31.63
CA LYS B 376 -2.36 -2.25 33.02
C LYS B 376 -3.55 -1.31 33.22
N LEU B 377 -3.72 -0.34 32.31
CA LEU B 377 -4.80 0.62 32.45
C LEU B 377 -6.16 -0.03 32.24
N LEU B 378 -6.27 -0.99 31.32
CA LEU B 378 -7.53 -1.71 31.13
C LEU B 378 -7.86 -2.57 32.35
N PHE B 379 -6.85 -3.23 32.94
CA PHE B 379 -7.09 -3.97 34.17
C PHE B 379 -7.56 -3.06 35.29
N ARG B 380 -6.96 -1.87 35.40
CA ARG B 380 -7.40 -0.90 36.38
C ARG B 380 -8.82 -0.44 36.12
N VAL B 381 -9.17 -0.22 34.86
CA VAL B 381 -10.50 0.26 34.50
C VAL B 381 -11.55 -0.78 34.84
N PHE B 382 -11.30 -2.05 34.48
CA PHE B 382 -12.29 -3.09 34.73
C PHE B 382 -12.49 -3.31 36.23
N THR B 383 -11.47 -3.06 37.04
CA THR B 383 -11.61 -3.05 38.50
C THR B 383 -11.87 -1.61 38.95
N ALA B 384 -13.07 -1.14 38.65
CA ALA B 384 -13.40 0.27 38.81
C ALA B 384 -13.30 0.78 40.24
N PRO B 385 -13.92 0.16 41.25
CA PRO B 385 -13.98 0.79 42.57
C PRO B 385 -12.77 0.55 43.46
N PHE B 386 -11.69 -0.04 42.94
CA PHE B 386 -10.54 -0.39 43.77
C PHE B 386 -9.31 0.47 43.50
N HIS B 387 -9.39 1.41 42.55
CA HIS B 387 -8.28 2.31 42.27
C HIS B 387 -8.79 3.71 42.01
N LYS B 388 -7.92 4.70 42.24
CA LYS B 388 -8.29 6.08 41.99
C LYS B 388 -8.48 6.31 40.49
N VAL B 389 -9.51 7.08 40.15
CA VAL B 389 -9.87 7.31 38.76
C VAL B 389 -9.05 8.47 38.23
N GLY B 390 -7.96 8.17 37.53
CA GLY B 390 -7.21 9.17 36.81
C GLY B 390 -7.91 9.55 35.51
N PHE B 391 -7.31 10.50 34.79
CA PHE B 391 -7.90 10.94 33.53
C PHE B 391 -7.93 9.81 32.51
N ALA B 392 -6.85 9.03 32.43
CA ALA B 392 -6.76 8.01 31.40
C ALA B 392 -7.77 6.89 31.63
N ASP B 393 -7.99 6.52 32.89
CA ASP B 393 -8.96 5.46 33.19
C ASP B 393 -10.37 5.90 32.80
N PHE B 394 -10.77 7.10 33.22
CA PHE B 394 -12.05 7.67 32.78
C PHE B 394 -12.12 7.75 31.27
N TRP B 395 -11.02 8.13 30.62
CA TRP B 395 -11.01 8.30 29.18
C TRP B 395 -11.31 6.98 28.47
N LEU B 396 -10.59 5.91 28.83
CA LEU B 396 -10.85 4.63 28.18
C LEU B 396 -12.21 4.07 28.58
N ALA B 397 -12.67 4.33 29.81
CA ALA B 397 -14.01 3.89 30.18
C ALA B 397 -15.07 4.55 29.32
N ASP B 398 -14.90 5.84 29.02
CA ASP B 398 -15.84 6.51 28.12
C ASP B 398 -15.71 5.98 26.70
N GLN B 399 -14.48 5.69 26.26
CA GLN B 399 -14.29 5.09 24.93
C GLN B 399 -15.07 3.78 24.83
N LEU B 400 -14.96 2.94 25.87
CA LEU B 400 -15.75 1.71 25.92
C LEU B 400 -17.24 2.01 25.94
N ASN B 401 -17.64 3.08 26.64
CA ASN B 401 -19.03 3.52 26.60
C ASN B 401 -19.49 3.79 25.17
N SER B 402 -18.58 4.27 24.32
CA SER B 402 -18.88 4.42 22.89
C SER B 402 -18.44 3.22 22.06
N LEU B 403 -17.96 2.14 22.70
CA LEU B 403 -17.59 0.93 21.99
C LEU B 403 -18.36 -0.27 22.51
N SER B 404 -19.58 -0.05 23.00
CA SER B 404 -20.39 -1.15 23.52
C SER B 404 -20.69 -2.18 22.43
N VAL B 405 -20.72 -1.73 21.17
CA VAL B 405 -21.00 -2.66 20.07
C VAL B 405 -19.91 -3.72 19.98
N ILE B 406 -18.66 -3.37 20.30
CA ILE B 406 -17.58 -4.35 20.22
C ILE B 406 -17.80 -5.49 21.21
N LEU B 407 -18.07 -5.15 22.48
CA LEU B 407 -18.33 -6.19 23.47
C LEU B 407 -19.61 -6.96 23.17
N MET B 408 -20.64 -6.26 22.69
CA MET B 408 -21.89 -6.93 22.35
C MET B 408 -21.72 -7.92 21.21
N ASP B 409 -20.96 -7.54 20.18
CA ASP B 409 -20.67 -8.46 19.08
C ASP B 409 -19.77 -9.60 19.54
N LEU B 410 -18.86 -9.35 20.48
CA LEU B 410 -18.07 -10.44 21.04
C LEU B 410 -18.96 -11.44 21.77
N GLU B 411 -19.93 -10.95 22.54
CA GLU B 411 -20.86 -11.85 23.22
C GLU B 411 -21.70 -12.64 22.21
N TYR B 412 -22.17 -11.96 21.17
CA TYR B 412 -22.89 -12.65 20.11
C TYR B 412 -22.03 -13.75 19.49
N MET B 413 -20.76 -13.44 19.25
CA MET B 413 -19.85 -14.42 18.65
C MET B 413 -19.63 -15.61 19.56
N ILE B 414 -19.43 -15.38 20.86
CA ILE B 414 -19.12 -16.50 21.74
C ILE B 414 -20.35 -17.39 21.90
N CYS B 415 -21.54 -16.79 22.04
CA CYS B 415 -22.75 -17.61 22.13
C CYS B 415 -23.02 -18.34 20.81
N PHE B 416 -22.77 -17.68 19.68
CA PHE B 416 -22.97 -18.29 18.38
C PHE B 416 -22.04 -19.48 18.20
N TYR B 417 -20.78 -19.33 18.61
CA TYR B 417 -19.85 -20.45 18.59
C TYR B 417 -20.29 -21.55 19.55
N SER B 418 -20.90 -21.16 20.67
CA SER B 418 -21.39 -22.15 21.62
C SER B 418 -22.48 -23.01 21.02
N LEU B 419 -23.37 -22.44 20.21
CA LEU B 419 -24.54 -23.21 19.83
C LEU B 419 -24.69 -23.46 18.34
N GLU B 420 -24.64 -22.43 17.49
CA GLU B 420 -25.22 -22.57 16.14
C GLU B 420 -24.19 -22.66 15.00
N LEU B 421 -22.94 -23.04 15.26
CA LEU B 421 -22.04 -23.28 14.14
C LEU B 421 -22.38 -24.53 13.32
N LYS B 422 -22.92 -25.57 13.94
CA LYS B 422 -23.09 -26.86 13.27
C LYS B 422 -21.74 -27.32 12.71
N TRP B 423 -20.83 -27.64 13.66
CA TRP B 423 -19.43 -27.93 13.33
C TRP B 423 -19.28 -28.83 12.11
N ASP B 424 -20.21 -29.75 11.88
CA ASP B 424 -20.12 -30.62 10.70
C ASP B 424 -20.22 -29.82 9.41
N GLU B 425 -21.06 -28.79 9.38
CA GLU B 425 -21.24 -27.99 8.18
C GLU B 425 -19.96 -27.26 7.80
N SER B 426 -19.63 -27.28 6.51
CA SER B 426 -18.43 -26.58 6.04
C SER B 426 -18.61 -25.07 6.07
N LYS B 427 -19.83 -24.58 5.86
CA LYS B 427 -20.11 -23.15 5.88
C LYS B 427 -21.05 -22.83 7.03
N GLY B 428 -20.75 -23.40 8.21
CA GLY B 428 -21.66 -23.28 9.34
C GLY B 428 -21.87 -21.84 9.78
N LEU B 429 -20.83 -21.01 9.67
CA LEU B 429 -20.96 -19.61 10.06
C LEU B 429 -21.89 -18.83 9.14
N LEU B 430 -22.28 -19.41 8.00
CA LEU B 430 -23.22 -18.82 7.06
C LEU B 430 -24.36 -19.81 6.88
N PRO B 431 -25.32 -19.85 7.80
CA PRO B 431 -26.39 -20.84 7.71
C PRO B 431 -27.24 -20.64 6.47
N ASN B 432 -27.72 -21.75 5.92
CA ASN B 432 -28.51 -21.75 4.69
C ASN B 432 -30.00 -21.55 4.93
N ASN B 433 -30.41 -21.33 6.18
CA ASN B 433 -31.82 -21.13 6.47
C ASN B 433 -32.37 -19.89 5.78
N SER B 434 -31.58 -18.82 5.75
CA SER B 434 -31.91 -17.51 5.18
C SER B 434 -32.99 -16.78 5.96
N GLU B 435 -33.54 -17.39 7.01
CA GLU B 435 -34.50 -16.76 7.89
C GLU B 435 -33.94 -16.77 9.31
N GLU B 436 -33.91 -15.60 9.93
CA GLU B 436 -33.28 -15.45 11.25
C GLU B 436 -34.25 -15.92 12.33
N SER B 437 -33.96 -17.10 12.91
CA SER B 437 -34.74 -17.63 14.02
C SER B 437 -33.84 -18.25 15.08
N GLY B 438 -32.55 -17.92 15.07
CA GLY B 438 -31.64 -18.50 16.03
C GLY B 438 -31.87 -18.00 17.44
N ILE B 439 -31.41 -18.79 18.41
CA ILE B 439 -31.57 -18.44 19.81
C ILE B 439 -30.74 -17.21 20.15
N CYS B 440 -29.54 -17.10 19.57
CA CYS B 440 -28.69 -15.95 19.84
C CYS B 440 -29.17 -14.69 19.12
N HIS B 441 -29.83 -14.84 17.96
CA HIS B 441 -30.34 -13.68 17.25
C HIS B 441 -31.36 -12.93 18.10
N LYS B 442 -32.27 -13.64 18.74
CA LYS B 442 -33.17 -13.03 19.71
C LYS B 442 -32.44 -12.86 21.04
N TYR B 443 -32.59 -11.70 21.65
CA TYR B 443 -31.90 -11.36 22.89
C TYR B 443 -32.86 -11.44 24.08
N THR B 444 -33.76 -12.42 24.04
CA THR B 444 -34.71 -12.64 25.14
C THR B 444 -34.03 -13.16 26.39
N TYR B 445 -32.83 -13.75 26.27
CA TYR B 445 -32.13 -14.28 27.42
C TYR B 445 -31.79 -13.16 28.41
N GLY B 446 -31.39 -11.99 27.89
CA GLY B 446 -31.08 -10.85 28.72
C GLY B 446 -29.60 -10.58 28.91
N VAL B 447 -28.73 -11.51 28.50
CA VAL B 447 -27.30 -11.28 28.64
C VAL B 447 -26.85 -10.13 27.74
N ARG B 448 -27.56 -9.90 26.62
CA ARG B 448 -27.25 -8.78 25.75
C ARG B 448 -27.39 -7.46 26.50
N ALA B 449 -28.46 -7.34 27.29
CA ALA B 449 -28.66 -6.11 28.07
C ALA B 449 -27.50 -5.90 29.03
N ILE B 450 -27.08 -6.96 29.74
CA ILE B 450 -26.01 -6.81 30.71
C ILE B 450 -24.72 -6.38 30.02
N VAL B 451 -24.31 -7.11 28.97
CA VAL B 451 -23.05 -6.78 28.31
C VAL B 451 -23.13 -5.40 27.67
N GLN B 452 -24.33 -4.92 27.37
CA GLN B 452 -24.46 -3.56 26.87
C GLN B 452 -24.31 -2.54 28.01
N CYS B 453 -24.70 -2.91 29.23
CA CYS B 453 -24.56 -1.99 30.35
C CYS B 453 -23.19 -1.99 31.02
N ILE B 454 -22.35 -3.01 30.80
CA ILE B 454 -20.99 -2.98 31.36
C ILE B 454 -20.22 -1.70 31.01
N PRO B 455 -20.21 -1.20 29.77
CA PRO B 455 -19.54 0.08 29.54
C PRO B 455 -20.10 1.24 30.35
N ALA B 456 -21.41 1.24 30.59
CA ALA B 456 -22.01 2.24 31.49
C ALA B 456 -21.79 1.89 32.95
N TRP B 457 -21.80 0.60 33.28
CA TRP B 457 -21.60 0.16 34.66
C TRP B 457 -20.23 0.57 35.18
N LEU B 458 -19.19 0.41 34.36
CA LEU B 458 -17.84 0.80 34.76
C LEU B 458 -17.77 2.30 35.02
N ARG B 459 -18.34 3.10 34.12
CA ARG B 459 -18.32 4.55 34.30
C ARG B 459 -19.10 4.96 35.54
N PHE B 460 -20.25 4.34 35.78
CA PHE B 460 -21.06 4.67 36.95
C PHE B 460 -20.29 4.40 38.24
N ILE B 461 -19.69 3.22 38.35
CA ILE B 461 -18.96 2.91 39.58
C ILE B 461 -17.67 3.72 39.69
N GLN B 462 -17.02 4.03 38.57
CA GLN B 462 -15.85 4.88 38.61
C GLN B 462 -16.19 6.26 39.13
N CYS B 463 -17.31 6.83 38.69
CA CYS B 463 -17.71 8.13 39.18
C CYS B 463 -18.16 8.08 40.63
N LEU B 464 -18.79 6.99 41.05
CA LEU B 464 -19.12 6.83 42.46
C LEU B 464 -17.86 6.78 43.32
N ARG B 465 -16.83 6.05 42.87
CA ARG B 465 -15.58 6.01 43.60
C ARG B 465 -14.89 7.37 43.62
N ARG B 466 -14.97 8.11 42.51
CA ARG B 466 -14.41 9.44 42.48
C ARG B 466 -15.11 10.36 43.46
N TYR B 467 -16.44 10.25 43.55
CA TYR B 467 -17.19 11.02 44.56
C TYR B 467 -16.76 10.63 45.96
N ARG B 468 -16.63 9.33 46.23
CA ARG B 468 -16.17 8.88 47.54
C ARG B 468 -14.80 9.46 47.86
N ASP B 469 -13.95 9.61 46.84
CA ASP B 469 -12.63 10.21 47.05
C ASP B 469 -12.74 11.69 47.37
N THR B 470 -13.60 12.42 46.65
CA THR B 470 -13.66 13.87 46.80
C THR B 470 -14.81 14.35 47.69
N LYS B 471 -15.85 13.55 47.88
CA LYS B 471 -17.02 13.94 48.66
C LYS B 471 -17.64 15.23 48.14
N ARG B 472 -17.69 15.35 46.81
CA ARG B 472 -18.27 16.50 46.13
C ARG B 472 -19.29 16.00 45.12
N ALA B 473 -20.55 16.42 45.28
CA ALA B 473 -21.63 15.86 44.47
C ALA B 473 -21.56 16.34 43.03
N PHE B 474 -21.33 17.63 42.82
CA PHE B 474 -21.23 18.19 41.48
C PHE B 474 -19.81 18.00 40.97
N PRO B 475 -19.59 17.28 39.86
CA PRO B 475 -20.56 16.61 38.99
C PRO B 475 -20.57 15.09 39.12
N HIS B 476 -20.12 14.52 40.24
CA HIS B 476 -19.96 13.08 40.32
C HIS B 476 -21.30 12.36 40.38
N LEU B 477 -22.20 12.83 41.24
CA LEU B 477 -23.55 12.25 41.28
C LEU B 477 -24.32 12.58 40.02
N VAL B 478 -24.03 13.72 39.39
CA VAL B 478 -24.64 14.04 38.10
C VAL B 478 -24.23 13.02 37.05
N ASN B 479 -22.94 12.65 37.04
CA ASN B 479 -22.46 11.63 36.12
C ASN B 479 -23.06 10.27 36.42
N ALA B 480 -23.17 9.93 37.72
CA ALA B 480 -23.81 8.67 38.09
C ALA B 480 -25.24 8.62 37.57
N GLY B 481 -25.98 9.72 37.73
CA GLY B 481 -27.31 9.78 37.17
C GLY B 481 -27.32 9.65 35.66
N LYS B 482 -26.38 10.32 34.99
CA LYS B 482 -26.33 10.26 33.53
C LYS B 482 -26.12 8.83 33.04
N TYR B 483 -25.21 8.10 33.67
CA TYR B 483 -24.98 6.72 33.25
C TYR B 483 -26.13 5.80 33.67
N SER B 484 -26.81 6.11 34.78
CA SER B 484 -27.98 5.32 35.14
C SER B 484 -29.12 5.53 34.15
N THR B 485 -29.16 6.68 33.48
CA THR B 485 -30.15 6.87 32.43
C THR B 485 -30.01 5.82 31.33
N THR B 486 -28.78 5.60 30.86
CA THR B 486 -28.60 4.58 29.82
C THR B 486 -28.67 3.17 30.39
N PHE B 487 -28.36 3.01 31.68
CA PHE B 487 -28.61 1.72 32.34
C PHE B 487 -30.10 1.36 32.24
N PHE B 488 -30.96 2.28 32.64
CA PHE B 488 -32.40 2.06 32.55
C PHE B 488 -32.88 2.01 31.11
N MET B 489 -32.26 2.77 30.22
CA MET B 489 -32.45 2.57 28.78
C MET B 489 -32.35 1.11 28.39
N VAL B 490 -31.19 0.50 28.65
CA VAL B 490 -30.96 -0.86 28.19
C VAL B 490 -31.91 -1.83 28.91
N THR B 491 -32.09 -1.66 30.22
CA THR B 491 -32.97 -2.55 30.97
C THR B 491 -34.40 -2.49 30.45
N PHE B 492 -34.95 -1.29 30.30
CA PHE B 492 -36.28 -1.09 29.75
C PHE B 492 -36.42 -1.60 28.34
N ALA B 493 -35.43 -1.36 27.48
CA ALA B 493 -35.50 -1.82 26.10
C ALA B 493 -35.58 -3.34 26.04
N ALA B 494 -34.68 -4.03 26.75
CA ALA B 494 -34.75 -5.49 26.78
C ALA B 494 -36.06 -5.98 27.37
N LEU B 495 -36.53 -5.36 28.45
CA LEU B 495 -37.74 -5.81 29.10
C LEU B 495 -38.95 -5.67 28.17
N TYR B 496 -39.13 -4.51 27.54
CA TYR B 496 -40.35 -4.37 26.75
C TYR B 496 -40.22 -5.06 25.41
N SER B 497 -38.99 -5.32 24.94
CA SER B 497 -38.84 -6.19 23.77
C SER B 497 -39.31 -7.60 24.09
N THR B 498 -38.92 -8.12 25.26
CA THR B 498 -39.45 -9.42 25.69
C THR B 498 -40.96 -9.35 25.86
N HIS B 499 -41.47 -8.23 26.37
CA HIS B 499 -42.91 -8.06 26.54
C HIS B 499 -43.64 -8.10 25.22
N LYS B 500 -43.09 -7.43 24.20
CA LYS B 500 -43.68 -7.45 22.86
C LYS B 500 -43.60 -8.82 22.24
N GLU B 501 -42.50 -9.55 22.48
CA GLU B 501 -42.37 -10.90 21.93
C GLU B 501 -43.46 -11.84 22.42
N ARG B 502 -44.07 -11.56 23.58
CA ARG B 502 -45.17 -12.35 24.09
C ARG B 502 -46.52 -11.70 23.89
N GLY B 503 -46.57 -10.49 23.33
CA GLY B 503 -47.83 -9.84 23.01
C GLY B 503 -48.71 -9.52 24.19
N HIS B 504 -48.13 -8.98 25.26
CA HIS B 504 -48.89 -8.63 26.45
C HIS B 504 -49.34 -7.18 26.34
N SER B 505 -50.49 -6.89 26.94
CA SER B 505 -51.19 -5.63 26.69
C SER B 505 -50.36 -4.40 27.10
N ASP B 506 -49.53 -4.53 28.13
CA ASP B 506 -48.73 -3.41 28.62
C ASP B 506 -47.52 -3.11 27.75
N THR B 507 -47.43 -3.75 26.57
CA THR B 507 -46.30 -3.49 25.68
C THR B 507 -46.28 -2.03 25.23
N MET B 508 -47.44 -1.47 24.89
CA MET B 508 -47.50 -0.07 24.48
C MET B 508 -47.10 0.88 25.62
N VAL B 509 -47.58 0.60 26.84
CA VAL B 509 -47.22 1.44 27.97
C VAL B 509 -45.72 1.38 28.23
N PHE B 510 -45.14 0.19 28.18
CA PHE B 510 -43.71 0.05 28.42
C PHE B 510 -42.90 0.67 27.29
N PHE B 511 -43.39 0.62 26.06
CA PHE B 511 -42.77 1.32 24.94
C PHE B 511 -42.81 2.83 25.17
N TYR B 512 -43.90 3.36 25.72
CA TYR B 512 -43.96 4.78 26.04
C TYR B 512 -42.95 5.15 27.12
N LEU B 513 -42.86 4.32 28.16
CA LEU B 513 -41.87 4.57 29.21
C LEU B 513 -40.45 4.55 28.62
N TRP B 514 -40.20 3.61 27.73
CA TRP B 514 -38.93 3.53 27.00
C TRP B 514 -38.68 4.75 26.11
N ILE B 515 -39.70 5.28 25.45
CA ILE B 515 -39.49 6.46 24.61
C ILE B 515 -39.17 7.69 25.47
N VAL B 516 -39.85 7.88 26.60
CA VAL B 516 -39.57 9.05 27.42
C VAL B 516 -38.19 8.91 28.06
N PHE B 517 -37.82 7.69 28.47
CA PHE B 517 -36.48 7.49 28.99
C PHE B 517 -35.40 7.67 27.92
N TYR B 518 -35.67 7.25 26.68
CA TYR B 518 -34.78 7.56 25.56
C TYR B 518 -34.56 9.06 25.44
N ILE B 519 -35.64 9.82 25.44
CA ILE B 519 -35.53 11.26 25.26
C ILE B 519 -34.71 11.88 26.40
N ILE B 520 -35.03 11.53 27.64
CA ILE B 520 -34.35 12.15 28.77
C ILE B 520 -32.88 11.74 28.82
N SER B 521 -32.58 10.46 28.56
CA SER B 521 -31.19 10.01 28.58
C SER B 521 -30.38 10.69 27.50
N SER B 522 -30.91 10.72 26.27
CA SER B 522 -30.17 11.35 25.18
C SER B 522 -29.95 12.83 25.43
N CYS B 523 -30.98 13.52 25.92
CA CYS B 523 -30.83 14.94 26.23
C CYS B 523 -29.80 15.16 27.33
N TYR B 524 -29.84 14.31 28.36
CA TYR B 524 -28.88 14.42 29.45
C TYR B 524 -27.45 14.31 28.96
N THR B 525 -27.15 13.23 28.21
CA THR B 525 -25.80 13.04 27.71
C THR B 525 -25.39 14.14 26.73
N LEU B 526 -26.31 14.55 25.85
CA LEU B 526 -25.98 15.60 24.89
C LEU B 526 -25.65 16.92 25.61
N ILE B 527 -26.48 17.29 26.58
CA ILE B 527 -26.25 18.54 27.30
C ILE B 527 -24.93 18.49 28.05
N TRP B 528 -24.62 17.37 28.70
CA TRP B 528 -23.35 17.29 29.41
C TRP B 528 -22.18 17.37 28.44
N ASP B 529 -22.23 16.58 27.36
CA ASP B 529 -21.16 16.62 26.37
C ASP B 529 -20.97 18.01 25.79
N LEU B 530 -22.04 18.78 25.67
CA LEU B 530 -22.00 20.11 25.07
C LEU B 530 -21.65 21.20 26.08
N LYS B 531 -21.78 20.93 27.37
CA LYS B 531 -21.61 21.97 28.37
C LYS B 531 -20.36 21.78 29.21
N MET B 532 -20.18 20.59 29.78
CA MET B 532 -19.06 20.38 30.69
C MET B 532 -17.90 19.64 30.04
N ASP B 533 -18.19 18.60 29.26
CA ASP B 533 -17.13 17.84 28.61
C ASP B 533 -16.38 18.70 27.59
N TRP B 534 -17.12 19.39 26.72
CA TRP B 534 -16.49 20.29 25.76
C TRP B 534 -16.21 21.65 26.38
N GLY B 535 -17.05 22.09 27.30
CA GLY B 535 -16.91 23.39 27.92
C GLY B 535 -17.60 24.52 27.19
N LEU B 536 -18.29 24.24 26.09
CA LEU B 536 -18.87 25.28 25.25
C LEU B 536 -20.03 25.97 25.96
N PHE B 537 -20.63 26.93 25.26
CA PHE B 537 -21.72 27.75 25.78
C PHE B 537 -21.29 28.49 27.03
N ASP B 538 -20.04 28.92 27.07
CA ASP B 538 -19.52 29.64 28.23
C ASP B 538 -20.06 31.06 28.27
N LYS B 539 -20.43 31.51 29.47
CA LYS B 539 -20.94 32.88 29.62
C LYS B 539 -19.86 33.92 29.37
N ASN B 540 -18.62 33.63 29.75
CA ASN B 540 -17.51 34.57 29.56
C ASN B 540 -16.92 34.51 28.16
N ALA B 541 -17.65 33.94 27.20
CA ALA B 541 -17.10 33.78 25.85
C ALA B 541 -16.82 35.12 25.19
N GLY B 542 -17.74 36.07 25.30
CA GLY B 542 -17.59 37.35 24.64
C GLY B 542 -17.80 37.28 23.14
N GLU B 543 -16.71 37.44 22.37
CA GLU B 543 -16.83 37.44 20.92
C GLU B 543 -17.29 36.08 20.40
N ASN B 544 -16.73 34.99 20.94
CA ASN B 544 -17.07 33.66 20.47
C ASN B 544 -18.53 33.32 20.76
N THR B 545 -19.33 33.18 19.70
CA THR B 545 -20.76 32.94 19.86
C THR B 545 -21.00 31.49 20.26
N PHE B 546 -21.65 31.29 21.41
CA PHE B 546 -22.03 29.96 21.90
C PHE B 546 -20.81 29.04 22.00
N LEU B 547 -19.69 29.59 22.45
CA LEU B 547 -18.45 28.84 22.58
C LEU B 547 -17.76 29.28 23.88
N ARG B 548 -16.48 28.95 23.99
CA ARG B 548 -15.67 29.37 25.12
C ARG B 548 -14.97 30.70 24.85
N GLU B 549 -14.41 31.28 25.90
CA GLU B 549 -13.68 32.53 25.76
C GLU B 549 -12.44 32.36 24.88
N GLU B 550 -11.71 31.26 25.06
CA GLU B 550 -10.50 30.99 24.31
C GLU B 550 -10.62 29.63 23.63
N ILE B 551 -10.09 29.53 22.42
CA ILE B 551 -10.14 28.31 21.63
C ILE B 551 -8.75 28.00 21.12
N VAL B 552 -8.47 26.71 20.91
CA VAL B 552 -7.17 26.25 20.44
C VAL B 552 -7.21 25.90 18.96
N TYR B 553 -8.27 25.23 18.52
CA TYR B 553 -8.36 24.76 17.14
C TYR B 553 -8.50 25.97 16.19
N PRO B 554 -7.96 25.86 14.98
CA PRO B 554 -7.81 27.07 14.14
C PRO B 554 -9.11 27.76 13.76
N GLN B 555 -10.21 27.02 13.58
CA GLN B 555 -11.43 27.60 13.07
C GLN B 555 -12.60 27.30 13.99
N LYS B 556 -13.46 28.30 14.18
CA LYS B 556 -14.67 28.14 14.98
C LYS B 556 -15.74 27.34 14.25
N ALA B 557 -15.72 27.33 12.91
CA ALA B 557 -16.65 26.51 12.16
C ALA B 557 -16.48 25.04 12.50
N TYR B 558 -15.25 24.62 12.81
CA TYR B 558 -15.02 23.27 13.30
C TYR B 558 -15.81 23.02 14.58
N TYR B 559 -15.75 23.98 15.52
CA TYR B 559 -16.52 23.86 16.76
C TYR B 559 -18.01 23.77 16.47
N TYR B 560 -18.52 24.63 15.59
CA TYR B 560 -19.94 24.64 15.31
C TYR B 560 -20.40 23.32 14.71
N CYS B 561 -19.74 22.89 13.63
CA CYS B 561 -20.11 21.62 13.00
C CYS B 561 -19.97 20.47 13.97
N ALA B 562 -19.03 20.57 14.92
CA ALA B 562 -18.94 19.58 15.98
C ALA B 562 -20.21 19.59 16.83
N ILE B 563 -20.74 20.77 17.14
CA ILE B 563 -21.98 20.82 17.93
C ILE B 563 -23.13 20.16 17.19
N ILE B 564 -23.35 20.49 15.91
CA ILE B 564 -24.48 19.84 15.23
C ILE B 564 -24.24 18.34 15.08
N GLU B 565 -23.00 17.94 14.77
CA GLU B 565 -22.70 16.52 14.65
C GLU B 565 -23.00 15.77 15.94
N ASP B 566 -22.57 16.34 17.08
CA ASP B 566 -22.83 15.73 18.37
C ASP B 566 -24.33 15.67 18.65
N VAL B 567 -25.05 16.73 18.29
CA VAL B 567 -26.48 16.78 18.55
C VAL B 567 -27.20 15.65 17.82
N ILE B 568 -26.91 15.46 16.53
CA ILE B 568 -27.57 14.37 15.81
C ILE B 568 -27.09 13.01 16.31
N LEU B 569 -25.80 12.86 16.57
CA LEU B 569 -25.30 11.53 16.86
C LEU B 569 -25.55 11.09 18.30
N ARG B 570 -25.96 11.98 19.21
CA ARG B 570 -26.48 11.49 20.48
C ARG B 570 -27.77 10.72 20.27
N PHE B 571 -28.69 11.30 19.49
CA PHE B 571 -29.91 10.59 19.11
C PHE B 571 -29.57 9.30 18.38
N ALA B 572 -28.60 9.36 17.47
CA ALA B 572 -28.20 8.16 16.73
C ALA B 572 -27.66 7.09 17.66
N TRP B 573 -26.83 7.47 18.63
CA TRP B 573 -26.25 6.52 19.57
C TRP B 573 -27.33 5.85 20.41
N THR B 574 -28.26 6.66 20.94
CA THR B 574 -29.31 6.09 21.77
C THR B 574 -30.21 5.16 20.95
N ILE B 575 -30.58 5.56 19.73
CA ILE B 575 -31.44 4.71 18.93
C ILE B 575 -30.70 3.44 18.51
N GLN B 576 -29.38 3.53 18.28
CA GLN B 576 -28.62 2.32 17.96
C GLN B 576 -28.61 1.34 19.13
N ILE B 577 -28.42 1.86 20.35
CA ILE B 577 -28.51 1.02 21.54
C ILE B 577 -29.86 0.33 21.59
N SER B 578 -30.92 1.11 21.43
CA SER B 578 -32.27 0.54 21.55
C SER B 578 -32.51 -0.52 20.48
N ILE B 579 -32.22 -0.21 19.22
CA ILE B 579 -32.54 -1.12 18.11
C ILE B 579 -31.72 -2.39 18.21
N THR B 580 -30.44 -2.30 18.60
CA THR B 580 -29.70 -3.53 18.77
C THR B 580 -30.13 -4.28 20.02
N SER B 581 -30.76 -3.61 20.98
CA SER B 581 -31.39 -4.29 22.12
C SER B 581 -32.72 -4.91 21.72
N THR B 582 -32.67 -5.84 20.75
CA THR B 582 -33.81 -6.58 20.20
C THR B 582 -35.07 -5.74 20.11
N THR B 583 -34.95 -4.55 19.51
CA THR B 583 -36.11 -3.69 19.32
C THR B 583 -36.74 -3.87 17.94
N LEU B 584 -35.94 -3.75 16.88
CA LEU B 584 -36.40 -3.87 15.51
C LEU B 584 -35.94 -5.22 14.97
N LEU B 585 -36.83 -6.21 15.00
CA LEU B 585 -36.51 -7.57 14.57
C LEU B 585 -36.28 -7.73 13.06
N PRO B 586 -36.95 -6.98 12.17
CA PRO B 586 -36.67 -7.16 10.73
C PRO B 586 -35.24 -6.74 10.40
N HIS B 587 -34.81 -7.15 9.20
CA HIS B 587 -33.44 -6.96 8.78
C HIS B 587 -33.05 -5.49 8.69
N SER B 588 -34.02 -4.58 8.63
CA SER B 588 -33.70 -3.15 8.59
C SER B 588 -32.99 -2.72 9.87
N GLY B 589 -33.33 -3.35 11.01
CA GLY B 589 -32.67 -3.01 12.26
C GLY B 589 -31.19 -3.31 12.23
N ASP B 590 -30.81 -4.47 11.70
CA ASP B 590 -29.40 -4.81 11.60
C ASP B 590 -28.68 -3.88 10.63
N ILE B 591 -29.31 -3.54 9.51
CA ILE B 591 -28.73 -2.59 8.56
C ILE B 591 -28.45 -1.26 9.24
N ILE B 592 -29.46 -0.72 9.93
CA ILE B 592 -29.32 0.62 10.50
C ILE B 592 -28.36 0.62 11.69
N ALA B 593 -28.28 -0.49 12.45
CA ALA B 593 -27.31 -0.56 13.53
C ALA B 593 -25.89 -0.64 12.99
N THR B 594 -25.67 -1.48 11.97
CA THR B 594 -24.34 -1.59 11.36
C THR B 594 -23.94 -0.28 10.70
N VAL B 595 -24.90 0.51 10.24
CA VAL B 595 -24.61 1.84 9.73
C VAL B 595 -24.29 2.85 10.82
N PHE B 596 -25.04 2.85 11.93
CA PHE B 596 -24.86 3.84 12.99
C PHE B 596 -23.65 3.60 13.88
N ALA B 597 -23.20 2.34 14.03
CA ALA B 597 -22.05 2.10 14.90
C ALA B 597 -20.80 2.84 14.45
N PRO B 598 -20.41 2.81 13.16
CA PRO B 598 -19.29 3.67 12.74
C PRO B 598 -19.54 5.14 13.00
N LEU B 599 -20.78 5.60 12.84
CA LEU B 599 -21.11 6.98 13.20
C LEU B 599 -20.91 7.22 14.69
N GLU B 600 -21.24 6.23 15.52
CA GLU B 600 -21.00 6.35 16.96
C GLU B 600 -19.50 6.50 17.26
N VAL B 601 -18.67 5.70 16.59
CA VAL B 601 -17.23 5.80 16.82
C VAL B 601 -16.70 7.16 16.33
N PHE B 602 -17.22 7.64 15.20
CA PHE B 602 -16.82 8.95 14.69
C PHE B 602 -17.21 10.06 15.67
N ARG B 603 -18.41 9.97 16.24
CA ARG B 603 -18.83 10.95 17.23
C ARG B 603 -17.95 10.89 18.47
N ARG B 604 -17.58 9.69 18.91
CA ARG B 604 -16.67 9.59 20.04
C ARG B 604 -15.31 10.21 19.73
N PHE B 605 -14.81 10.03 18.52
CA PHE B 605 -13.55 10.64 18.12
C PHE B 605 -13.63 12.17 18.15
N VAL B 606 -14.69 12.73 17.57
CA VAL B 606 -14.84 14.17 17.56
C VAL B 606 -15.08 14.71 18.98
N TRP B 607 -15.71 13.91 19.84
CA TRP B 607 -15.86 14.31 21.23
C TRP B 607 -14.52 14.30 21.94
N ASN B 608 -13.66 13.32 21.63
CA ASN B 608 -12.34 13.21 22.21
C ASN B 608 -11.49 14.44 21.89
N PHE B 609 -11.55 14.91 20.64
CA PHE B 609 -10.87 16.15 20.26
C PHE B 609 -11.10 17.25 21.31
N PHE B 610 -12.36 17.63 21.47
CA PHE B 610 -12.68 18.79 22.30
C PHE B 610 -12.58 18.47 23.78
N ARG B 611 -12.80 17.22 24.18
CA ARG B 611 -12.60 16.85 25.58
C ARG B 611 -11.15 17.07 25.99
N LEU B 612 -10.21 16.56 25.18
CA LEU B 612 -8.80 16.78 25.50
C LEU B 612 -8.42 18.25 25.41
N GLU B 613 -8.93 18.97 24.41
CA GLU B 613 -8.58 20.38 24.29
C GLU B 613 -9.09 21.17 25.50
N ASN B 614 -10.32 20.90 25.95
CA ASN B 614 -10.85 21.55 27.14
C ASN B 614 -10.09 21.16 28.39
N GLU B 615 -9.68 19.89 28.50
CA GLU B 615 -8.91 19.46 29.65
C GLU B 615 -7.61 20.23 29.75
N HIS B 616 -6.94 20.43 28.62
CA HIS B 616 -5.73 21.25 28.61
C HIS B 616 -6.06 22.71 28.95
N LEU B 617 -7.12 23.25 28.37
CA LEU B 617 -7.41 24.68 28.52
C LEU B 617 -7.77 25.01 29.97
N ASN B 618 -8.83 24.40 30.49
CA ASN B 618 -9.25 24.62 31.87
C ASN B 618 -9.58 23.28 32.48
N ASN B 619 -8.91 22.94 33.58
CA ASN B 619 -9.08 21.63 34.21
C ASN B 619 -10.53 21.39 34.58
N CYS B 620 -11.12 20.37 33.96
CA CYS B 620 -12.48 19.94 34.26
C CYS B 620 -12.44 18.54 34.88
N GLY B 621 -13.34 18.27 35.80
CA GLY B 621 -13.33 17.03 36.52
C GLY B 621 -12.29 16.93 37.60
N GLU B 622 -11.66 18.04 37.97
CA GLU B 622 -10.65 18.14 39.04
C GLU B 622 -9.63 17.00 38.99
N PHE B 623 -9.22 16.60 37.79
CA PHE B 623 -8.23 15.53 37.65
C PHE B 623 -6.86 15.99 38.12
N ARG B 624 -6.31 17.03 37.49
CA ARG B 624 -5.03 17.57 37.89
C ARG B 624 -5.18 18.45 39.12
N ALA B 625 -4.07 18.58 39.86
CA ALA B 625 -4.08 19.43 41.05
C ALA B 625 -4.27 20.90 40.69
N VAL B 626 -3.69 21.35 39.58
CA VAL B 626 -3.81 22.73 39.15
C VAL B 626 -5.24 23.03 38.73
#